data_2ZYJ
#
_entry.id   2ZYJ
#
_cell.length_a   55.761
_cell.length_b   93.346
_cell.length_c   150.827
_cell.angle_alpha   90.00
_cell.angle_beta   90.00
_cell.angle_gamma   90.00
#
_symmetry.space_group_name_H-M   'P 21 21 21'
#
loop_
_entity.id
_entity.type
_entity.pdbx_description
1 polymer 'Alpha-aminodipate aminotransferase'
2 non-polymer 'N-({3-hydroxy-2-methyl-5-[(phosphonooxy)methyl]pyridin-4-yl}methyl)-L-glutamic acid'
3 water water
#
_entity_poly.entity_id   1
_entity_poly.type   'polypeptide(L)'
_entity_poly.pdbx_seq_one_letter_code
;MKPLSWSEAFGKGAGRIQASTIRELLKLTQRPGILSFAGGLPAPELFPKEEAAEAAARILREKGEVALQYSPTEGYAPLR
AFVAEWIGVRPEEVLITTGSQQALDLVGKVFLDEGSPVLLEAPSYMGAIQAFRLQGPRFLTVPAGEEGPDLDALEEVLKR
ERPRFLYLIPSFQNPTGGLTPLPARKRLLQMVMERGLVVVEDDAYRELYFGEARLPSLFELAREAGYPGVIYLGSFSKVL
SPGLRVAFAVAHPEALQKLVQAKQGADLHTPMLNQMLVHELLKEGFSERLERVRRVYREKAQAMLHALDREVPKEVRYTR
PKGGMFVWMELPKGLSAEGLFRRALEENVAFVPGGPFFANGGGENTLRLSYATLDREGIAEGVRRLGRALKGLLALV
;
_entity_poly.pdbx_strand_id   A,B
#
loop_
_chem_comp.id
_chem_comp.type
_chem_comp.name
_chem_comp.formula
PGU non-polymer 'N-({3-hydroxy-2-methyl-5-[(phosphonooxy)methyl]pyridin-4-yl}methyl)-L-glutamic acid' 'C13 H19 N2 O9 P'
#
# COMPACT_ATOMS: atom_id res chain seq x y z
N MET A 1 5.43 31.72 -19.89
CA MET A 1 5.13 30.27 -19.74
C MET A 1 3.67 30.06 -19.37
N LYS A 2 3.11 28.92 -19.81
CA LYS A 2 1.79 28.50 -19.35
C LYS A 2 1.87 28.14 -17.86
N PRO A 3 1.01 28.74 -17.03
CA PRO A 3 1.17 28.46 -15.60
C PRO A 3 0.69 27.06 -15.30
N LEU A 4 1.27 26.46 -14.27
CA LEU A 4 0.77 25.21 -13.74
C LEU A 4 -0.18 25.56 -12.59
N SER A 5 -1.42 25.12 -12.70
CA SER A 5 -2.36 25.20 -11.59
C SER A 5 -2.69 23.78 -11.14
N TRP A 6 -2.44 23.46 -9.87
CA TRP A 6 -2.67 22.08 -9.40
C TRP A 6 -4.12 21.63 -9.47
N SER A 7 -5.03 22.49 -9.03
CA SER A 7 -6.45 22.14 -9.07
C SER A 7 -6.84 21.73 -10.50
N GLU A 8 -6.31 22.46 -11.47
CA GLU A 8 -6.50 22.13 -12.88
C GLU A 8 -5.79 20.86 -13.32
N ALA A 9 -4.55 20.63 -12.86
CA ALA A 9 -3.74 19.50 -13.30
C ALA A 9 -4.30 18.16 -12.82
N PHE A 10 -4.96 18.19 -11.67
CA PHE A 10 -5.53 17.00 -11.05
C PHE A 10 -6.60 16.36 -11.95
N GLY A 11 -6.72 15.03 -11.88
CA GLY A 11 -7.79 14.31 -12.56
C GLY A 11 -9.07 14.37 -11.73
N LYS A 12 -10.18 13.83 -12.26
CA LYS A 12 -11.46 13.83 -11.54
C LYS A 12 -11.40 13.03 -10.25
N GLY A 13 -10.52 12.05 -10.23
CA GLY A 13 -10.23 11.27 -9.02
C GLY A 13 -9.91 12.15 -7.86
N ALA A 14 -9.05 13.14 -8.10
CA ALA A 14 -8.54 14.00 -7.04
C ALA A 14 -9.66 14.68 -6.22
N GLY A 15 -10.76 15.03 -6.88
CA GLY A 15 -11.89 15.62 -6.17
C GLY A 15 -12.63 14.66 -5.26
N ARG A 16 -12.37 13.36 -5.40
CA ARG A 16 -13.01 12.31 -4.59
C ARG A 16 -12.05 11.90 -3.47
N ILE A 17 -10.86 12.51 -3.48
CA ILE A 17 -9.82 12.29 -2.46
C ILE A 17 -9.98 13.35 -1.39
N GLN A 18 -10.31 12.91 -0.17
CA GLN A 18 -10.44 13.79 1.00
C GLN A 18 -9.73 13.15 2.21
N ALA A 19 -9.31 14.02 3.14
CA ALA A 19 -8.68 13.58 4.39
C ALA A 19 -9.64 12.73 5.26
N SER A 20 -9.07 11.77 5.99
CA SER A 20 -9.81 11.02 7.02
C SER A 20 -9.64 11.75 8.35
N THR A 21 -10.74 12.04 9.03
CA THR A 21 -10.63 12.73 10.31
C THR A 21 -9.93 11.82 11.30
N ILE A 22 -10.14 10.49 11.20
CA ILE A 22 -9.44 9.56 12.12
C ILE A 22 -7.92 9.69 11.97
N ARG A 23 -7.43 9.60 10.72
CA ARG A 23 -6.00 9.75 10.43
C ARG A 23 -5.43 11.13 10.86
N GLU A 24 -6.17 12.18 10.56
CA GLU A 24 -5.76 13.51 10.95
C GLU A 24 -5.70 13.69 12.47
N LEU A 25 -6.69 13.12 13.19
CA LEU A 25 -6.83 13.34 14.62
C LEU A 25 -5.66 12.71 15.37
N LEU A 26 -5.06 11.67 14.80
CA LEU A 26 -3.90 11.03 15.43
C LEU A 26 -2.74 12.00 15.69
N LYS A 27 -2.58 13.00 14.81
CA LYS A 27 -1.53 14.02 14.94
C LYS A 27 -1.71 14.79 16.25
N LEU A 28 -2.97 14.99 16.62
CA LEU A 28 -3.33 15.67 17.86
C LEU A 28 -3.26 14.71 19.05
N THR A 29 -3.76 13.48 18.87
CA THR A 29 -3.95 12.59 20.02
C THR A 29 -2.67 11.95 20.49
N GLN A 30 -1.68 11.84 19.62
CA GLN A 30 -0.44 11.22 20.06
C GLN A 30 0.43 12.17 20.86
N ARG A 31 -0.05 13.41 21.04
CA ARG A 31 0.69 14.42 21.77
C ARG A 31 0.44 14.27 23.26
N PRO A 32 1.50 14.42 24.09
CA PRO A 32 1.32 14.25 25.55
C PRO A 32 0.21 15.13 26.13
N GLY A 33 -0.56 14.55 27.04
CA GLY A 33 -1.57 15.31 27.78
C GLY A 33 -2.97 15.18 27.23
N ILE A 34 -3.10 14.61 26.04
CA ILE A 34 -4.42 14.40 25.45
C ILE A 34 -4.98 13.07 25.98
N LEU A 35 -6.19 13.10 26.52
CA LEU A 35 -6.95 11.89 26.80
C LEU A 35 -7.72 11.49 25.55
N SER A 36 -7.25 10.46 24.87
CA SER A 36 -7.82 10.09 23.57
C SER A 36 -8.88 9.00 23.65
N PHE A 37 -10.06 9.34 23.15
CA PHE A 37 -11.13 8.40 22.81
C PHE A 37 -11.33 8.46 21.29
N ALA A 38 -10.30 8.84 20.55
CA ALA A 38 -10.45 9.04 19.10
C ALA A 38 -10.17 7.76 18.33
N GLY A 39 -8.99 7.64 17.74
CA GLY A 39 -8.69 6.44 16.92
C GLY A 39 -8.74 5.14 17.71
N GLY A 40 -9.06 4.03 17.04
CA GLY A 40 -9.03 2.68 17.65
C GLY A 40 -7.62 2.14 17.90
N LEU A 41 -6.86 2.80 18.76
CA LEU A 41 -5.47 2.45 19.00
C LEU A 41 -5.42 1.49 20.15
N PRO A 42 -4.87 0.29 19.90
CA PRO A 42 -4.79 -0.76 20.88
C PRO A 42 -4.00 -0.28 22.04
N ALA A 43 -4.34 -0.83 23.19
CA ALA A 43 -3.67 -0.57 24.45
C ALA A 43 -2.19 -0.92 24.31
N PRO A 44 -1.31 0.08 24.52
CA PRO A 44 0.14 -0.04 24.41
C PRO A 44 0.75 -1.12 25.32
N GLU A 45 0.11 -1.38 26.46
CA GLU A 45 0.67 -2.36 27.41
C GLU A 45 0.44 -3.78 26.92
N LEU A 46 -0.33 -3.94 25.84
CA LEU A 46 -0.48 -5.24 25.20
C LEU A 46 0.55 -5.49 24.12
N PHE A 47 1.43 -4.52 23.88
CA PHE A 47 2.48 -4.69 22.88
C PHE A 47 3.60 -5.54 23.47
N PRO A 48 3.94 -6.65 22.80
CA PRO A 48 4.99 -7.57 23.25
C PRO A 48 6.36 -7.08 22.79
N LYS A 49 6.82 -5.96 23.36
CA LYS A 49 8.04 -5.28 22.87
C LYS A 49 9.28 -6.13 22.99
N GLU A 50 9.45 -6.76 24.14
CA GLU A 50 10.63 -7.57 24.39
C GLU A 50 10.69 -8.78 23.45
N GLU A 51 9.56 -9.47 23.33
CA GLU A 51 9.43 -10.63 22.46
C GLU A 51 9.60 -10.23 21.00
N ALA A 52 9.03 -9.08 20.61
CA ALA A 52 9.20 -8.55 19.25
C ALA A 52 10.68 -8.28 18.94
N ALA A 53 11.41 -7.69 19.90
CA ALA A 53 12.82 -7.35 19.73
C ALA A 53 13.65 -8.61 19.47
N GLU A 54 13.47 -9.63 20.32
CA GLU A 54 14.13 -10.93 20.14
C GLU A 54 13.82 -11.55 18.79
N ALA A 55 12.54 -11.52 18.41
CA ALA A 55 12.10 -12.19 17.20
C ALA A 55 12.65 -11.51 15.93
N ALA A 56 12.52 -10.19 15.86
CA ALA A 56 13.06 -9.34 14.77
C ALA A 56 14.53 -9.58 14.54
N ALA A 57 15.29 -9.55 15.64
CA ALA A 57 16.74 -9.76 15.58
C ALA A 57 17.10 -11.14 15.04
N ARG A 58 16.38 -12.17 15.47
CA ARG A 58 16.64 -13.54 15.03
C ARG A 58 16.24 -13.70 13.57
N ILE A 59 15.12 -13.10 13.17
CA ILE A 59 14.70 -13.16 11.78
C ILE A 59 15.80 -12.57 10.89
N LEU A 60 16.31 -11.42 11.30
CA LEU A 60 17.27 -10.68 10.49
C LEU A 60 18.66 -11.36 10.43
N ARG A 61 19.13 -11.92 11.56
CA ARG A 61 20.40 -12.65 11.58
CA ARG A 61 20.40 -12.62 11.53
C ARG A 61 20.35 -13.93 10.74
N GLU A 62 19.33 -14.75 10.98
CA GLU A 62 19.23 -16.07 10.32
C GLU A 62 18.57 -16.07 8.96
N LYS A 63 17.64 -15.15 8.75
CA LYS A 63 16.86 -15.10 7.51
C LYS A 63 16.86 -13.72 6.88
N GLY A 64 17.94 -12.96 7.16
CA GLY A 64 18.13 -11.63 6.59
C GLY A 64 17.97 -11.61 5.07
N GLU A 65 18.55 -12.59 4.40
CA GLU A 65 18.53 -12.66 2.93
C GLU A 65 17.13 -12.73 2.37
N VAL A 66 16.18 -13.20 3.19
CA VAL A 66 14.76 -13.29 2.82
C VAL A 66 13.95 -12.11 3.36
N ALA A 67 14.18 -11.74 4.61
CA ALA A 67 13.45 -10.63 5.21
C ALA A 67 13.68 -9.29 4.47
N LEU A 68 14.90 -9.12 3.95
CA LEU A 68 15.30 -7.84 3.35
C LEU A 68 15.14 -7.78 1.80
N GLN A 69 14.79 -8.90 1.20
CA GLN A 69 14.71 -9.03 -0.27
C GLN A 69 13.29 -8.86 -0.73
N TYR A 70 13.12 -8.53 -2.02
CA TYR A 70 11.81 -8.61 -2.69
C TYR A 70 11.25 -10.03 -2.53
N SER A 71 9.93 -10.13 -2.43
CA SER A 71 9.27 -11.41 -2.20
C SER A 71 8.03 -11.44 -3.08
N PRO A 72 7.52 -12.64 -3.38
CA PRO A 72 6.25 -12.70 -4.10
C PRO A 72 5.11 -11.98 -3.40
N THR A 73 4.19 -11.46 -4.18
CA THR A 73 3.11 -10.66 -3.64
C THR A 73 2.20 -11.36 -2.64
N GLU A 74 1.96 -12.66 -2.84
CA GLU A 74 0.93 -13.35 -2.03
C GLU A 74 1.22 -13.36 -0.54
N GLY A 75 2.51 -13.37 -0.19
CA GLY A 75 2.89 -13.35 1.21
C GLY A 75 3.89 -14.40 1.65
N TYR A 76 4.49 -14.16 2.81
CA TYR A 76 5.37 -15.12 3.41
C TYR A 76 4.62 -16.43 3.62
N ALA A 77 5.14 -17.52 3.04
CA ALA A 77 4.42 -18.81 3.08
C ALA A 77 3.95 -19.32 4.46
N PRO A 78 4.85 -19.40 5.46
CA PRO A 78 4.36 -19.80 6.78
C PRO A 78 3.23 -18.94 7.36
N LEU A 79 3.22 -17.63 7.06
CA LEU A 79 2.12 -16.76 7.50
C LEU A 79 0.81 -17.11 6.80
N ARG A 80 0.86 -17.29 5.48
CA ARG A 80 -0.29 -17.76 4.71
C ARG A 80 -0.82 -19.09 5.26
N ALA A 81 0.10 -20.00 5.60
CA ALA A 81 -0.23 -21.30 6.20
C ALA A 81 -0.92 -21.14 7.57
N PHE A 82 -0.40 -20.21 8.36
CA PHE A 82 -0.89 -19.99 9.74
C PHE A 82 -2.30 -19.40 9.66
N VAL A 83 -2.47 -18.38 8.82
CA VAL A 83 -3.78 -17.75 8.60
C VAL A 83 -4.77 -18.80 8.07
N ALA A 84 -4.33 -19.58 7.10
CA ALA A 84 -5.12 -20.67 6.59
C ALA A 84 -5.61 -21.63 7.66
N GLU A 85 -4.73 -22.00 8.62
CA GLU A 85 -5.11 -22.92 9.66
C GLU A 85 -6.12 -22.30 10.62
N TRP A 86 -5.88 -21.05 10.96
CA TRP A 86 -6.74 -20.31 11.88
C TRP A 86 -8.15 -20.13 11.29
N ILE A 87 -8.22 -19.70 10.05
CA ILE A 87 -9.49 -19.35 9.40
C ILE A 87 -10.18 -20.62 8.84
N GLY A 88 -9.40 -21.63 8.48
CA GLY A 88 -9.92 -22.89 7.97
C GLY A 88 -10.07 -22.93 6.46
N VAL A 89 -9.02 -22.53 5.76
CA VAL A 89 -8.96 -22.53 4.29
C VAL A 89 -7.61 -23.08 3.86
N ARG A 90 -7.37 -23.14 2.55
CA ARG A 90 -6.04 -23.50 2.03
C ARG A 90 -5.16 -22.25 1.94
N PRO A 91 -3.83 -22.41 2.11
CA PRO A 91 -2.92 -21.25 2.01
C PRO A 91 -3.06 -20.45 0.71
N GLU A 92 -3.36 -21.13 -0.39
CA GLU A 92 -3.39 -20.51 -1.71
C GLU A 92 -4.62 -19.62 -1.82
N GLU A 93 -5.51 -19.73 -0.81
CA GLU A 93 -6.69 -18.86 -0.74
C GLU A 93 -6.47 -17.60 0.12
N VAL A 94 -5.28 -17.44 0.67
CA VAL A 94 -4.94 -16.31 1.53
C VAL A 94 -4.00 -15.33 0.81
N LEU A 95 -4.34 -14.04 0.85
CA LEU A 95 -3.40 -12.98 0.40
C LEU A 95 -2.97 -12.14 1.60
N ILE A 96 -1.67 -12.00 1.85
CA ILE A 96 -1.24 -11.12 2.92
C ILE A 96 -1.21 -9.67 2.44
N THR A 97 -1.87 -8.78 3.17
CA THR A 97 -1.96 -7.39 2.84
C THR A 97 -1.36 -6.41 3.87
N THR A 98 -1.20 -5.17 3.39
CA THR A 98 -0.56 -4.11 4.14
C THR A 98 -1.62 -3.40 5.01
N GLY A 99 -2.13 -4.16 5.99
CA GLY A 99 -3.26 -3.74 6.80
C GLY A 99 -4.52 -4.11 6.03
N SER A 100 -5.63 -4.30 6.73
CA SER A 100 -6.91 -4.53 6.05
C SER A 100 -7.35 -3.27 5.31
N GLN A 101 -6.81 -2.10 5.66
CA GLN A 101 -7.05 -0.91 4.85
C GLN A 101 -6.66 -1.15 3.40
N GLN A 102 -5.52 -1.76 3.16
CA GLN A 102 -5.15 -2.09 1.77
C GLN A 102 -6.20 -3.00 1.09
N ALA A 103 -6.70 -4.00 1.82
CA ALA A 103 -7.66 -4.93 1.25
C ALA A 103 -8.90 -4.15 0.82
N LEU A 104 -9.31 -3.18 1.63
CA LEU A 104 -10.44 -2.28 1.22
C LEU A 104 -10.15 -1.56 -0.06
N ASP A 105 -8.94 -1.00 -0.18
CA ASP A 105 -8.49 -0.34 -1.44
C ASP A 105 -8.60 -1.33 -2.61
N LEU A 106 -8.11 -2.54 -2.37
CA LEU A 106 -8.07 -3.58 -3.42
C LEU A 106 -9.46 -4.02 -3.88
N VAL A 107 -10.37 -4.23 -2.93
CA VAL A 107 -11.72 -4.62 -3.31
C VAL A 107 -12.39 -3.48 -4.02
N GLY A 108 -12.16 -2.23 -3.59
CA GLY A 108 -12.76 -1.11 -4.36
C GLY A 108 -12.26 -1.11 -5.82
N LYS A 109 -10.97 -1.34 -6.02
CA LYS A 109 -10.38 -1.39 -7.39
C LYS A 109 -10.93 -2.49 -8.29
N VAL A 110 -11.20 -3.65 -7.68
CA VAL A 110 -11.63 -4.86 -8.39
C VAL A 110 -13.11 -4.79 -8.76
N PHE A 111 -13.95 -4.20 -7.88
CA PHE A 111 -15.41 -4.31 -8.03
C PHE A 111 -16.17 -3.06 -8.40
N LEU A 112 -15.56 -1.90 -8.15
CA LEU A 112 -16.24 -0.62 -8.35
C LEU A 112 -15.76 0.19 -9.54
N ASP A 113 -16.73 0.81 -10.22
CA ASP A 113 -16.50 1.72 -11.36
C ASP A 113 -17.29 3.00 -11.09
N GLU A 114 -17.05 4.05 -11.87
CA GLU A 114 -17.83 5.27 -11.70
C GLU A 114 -19.32 5.00 -11.91
N GLY A 115 -20.11 5.41 -10.92
CA GLY A 115 -21.55 5.23 -10.94
C GLY A 115 -22.03 3.87 -10.45
N SER A 116 -21.11 2.96 -10.12
CA SER A 116 -21.51 1.61 -9.71
C SER A 116 -22.06 1.62 -8.27
N PRO A 117 -23.17 0.92 -8.03
CA PRO A 117 -23.74 0.86 -6.65
C PRO A 117 -22.89 -0.02 -5.72
N VAL A 118 -22.72 0.44 -4.49
CA VAL A 118 -22.08 -0.35 -3.43
C VAL A 118 -22.92 -0.16 -2.16
N LEU A 119 -23.13 -1.23 -1.40
CA LEU A 119 -24.07 -1.17 -0.26
C LEU A 119 -23.25 -1.25 1.00
N LEU A 120 -23.51 -0.33 1.92
CA LEU A 120 -22.89 -0.39 3.27
C LEU A 120 -23.87 0.24 4.27
N GLU A 121 -23.56 0.13 5.57
CA GLU A 121 -24.44 0.64 6.61
C GLU A 121 -24.25 2.15 6.74
N ALA A 122 -25.24 2.81 7.33
CA ALA A 122 -25.11 4.22 7.70
C ALA A 122 -25.37 4.23 9.19
N PRO A 123 -24.31 4.43 10.01
CA PRO A 123 -22.90 4.68 9.68
C PRO A 123 -22.11 3.38 9.42
N SER A 124 -20.92 3.53 8.81
CA SER A 124 -19.96 2.44 8.65
C SER A 124 -18.52 2.98 8.76
N TYR A 125 -17.53 2.13 8.50
CA TYR A 125 -16.13 2.48 8.79
C TYR A 125 -15.63 3.55 7.78
N MET A 126 -15.25 4.75 8.23
CA MET A 126 -14.91 5.85 7.30
CA MET A 126 -14.95 5.82 7.28
C MET A 126 -13.78 5.51 6.33
N GLY A 127 -12.85 4.69 6.78
CA GLY A 127 -11.73 4.26 5.93
C GLY A 127 -12.21 3.43 4.74
N ALA A 128 -13.25 2.61 4.92
CA ALA A 128 -13.84 1.84 3.80
C ALA A 128 -14.51 2.82 2.84
N ILE A 129 -15.28 3.75 3.40
CA ILE A 129 -15.93 4.78 2.59
C ILE A 129 -14.85 5.55 1.78
N GLN A 130 -13.77 5.95 2.45
CA GLN A 130 -12.66 6.70 1.82
C GLN A 130 -12.02 5.94 0.66
N ALA A 131 -11.75 4.66 0.89
CA ALA A 131 -11.16 3.75 -0.11
C ALA A 131 -12.10 3.57 -1.32
N PHE A 132 -13.38 3.30 -1.06
CA PHE A 132 -14.35 3.03 -2.11
C PHE A 132 -14.67 4.30 -2.90
N ARG A 133 -14.65 5.44 -2.20
CA ARG A 133 -14.95 6.72 -2.84
C ARG A 133 -14.10 7.03 -4.08
N LEU A 134 -12.83 6.67 -4.03
CA LEU A 134 -11.89 6.88 -5.14
C LEU A 134 -12.44 6.44 -6.49
N GLN A 135 -13.22 5.36 -6.51
CA GLN A 135 -13.77 4.78 -7.74
C GLN A 135 -15.02 5.50 -8.21
N GLY A 136 -15.52 6.44 -7.41
CA GLY A 136 -16.74 7.16 -7.79
C GLY A 136 -18.03 6.36 -7.84
N PRO A 137 -18.24 5.46 -6.88
CA PRO A 137 -19.45 4.64 -6.83
C PRO A 137 -20.62 5.44 -6.26
N ARG A 138 -21.81 4.86 -6.34
CA ARG A 138 -22.96 5.43 -5.65
C ARG A 138 -23.12 4.61 -4.39
N PHE A 139 -23.13 5.30 -3.26
CA PHE A 139 -23.30 4.59 -2.00
C PHE A 139 -24.78 4.40 -1.72
N LEU A 140 -25.12 3.14 -1.47
CA LEU A 140 -26.45 2.74 -1.01
C LEU A 140 -26.28 2.33 0.45
N THR A 141 -27.17 2.82 1.32
CA THR A 141 -27.00 2.61 2.77
C THR A 141 -28.23 1.95 3.40
N VAL A 142 -27.99 1.22 4.49
CA VAL A 142 -29.09 0.84 5.37
C VAL A 142 -28.68 1.18 6.79
N PRO A 143 -29.65 1.51 7.68
CA PRO A 143 -29.29 1.77 9.07
C PRO A 143 -28.55 0.60 9.73
N ALA A 144 -27.59 0.96 10.56
CA ALA A 144 -26.91 0.02 11.45
C ALA A 144 -27.54 0.22 12.85
N GLY A 145 -28.04 -0.86 13.45
CA GLY A 145 -28.70 -0.82 14.76
C GLY A 145 -27.95 -1.71 15.74
N GLU A 146 -28.47 -1.89 16.95
CA GLU A 146 -27.73 -2.71 17.93
C GLU A 146 -27.57 -4.19 17.49
N GLU A 147 -28.46 -4.63 16.61
CA GLU A 147 -28.35 -5.98 16.04
C GLU A 147 -27.79 -6.02 14.60
N GLY A 148 -27.03 -5.00 14.22
CA GLY A 148 -26.32 -4.97 12.95
C GLY A 148 -27.24 -4.30 11.91
N PRO A 149 -27.07 -4.63 10.62
CA PRO A 149 -27.85 -3.93 9.58
C PRO A 149 -29.32 -4.20 9.67
N ASP A 150 -30.13 -3.21 9.30
CA ASP A 150 -31.57 -3.38 9.15
C ASP A 150 -31.85 -4.24 7.92
N LEU A 151 -32.24 -5.49 8.13
CA LEU A 151 -32.38 -6.45 7.05
C LEU A 151 -33.65 -6.21 6.27
N ASP A 152 -34.66 -5.63 6.91
CA ASP A 152 -35.85 -5.20 6.19
C ASP A 152 -35.52 -4.06 5.20
N ALA A 153 -34.74 -3.07 5.64
CA ALA A 153 -34.30 -1.99 4.76
C ALA A 153 -33.45 -2.60 3.64
N LEU A 154 -32.55 -3.52 3.98
CA LEU A 154 -31.72 -4.19 2.97
C LEU A 154 -32.54 -4.90 1.89
N GLU A 155 -33.55 -5.64 2.32
CA GLU A 155 -34.45 -6.33 1.38
C GLU A 155 -35.07 -5.34 0.40
N GLU A 156 -35.42 -4.15 0.89
CA GLU A 156 -36.00 -3.10 0.03
C GLU A 156 -34.96 -2.56 -0.97
N VAL A 157 -33.72 -2.40 -0.53
CA VAL A 157 -32.66 -1.90 -1.42
C VAL A 157 -32.42 -2.92 -2.55
N LEU A 158 -32.40 -4.20 -2.18
CA LEU A 158 -32.06 -5.30 -3.09
C LEU A 158 -33.13 -5.54 -4.15
N LYS A 159 -34.33 -5.07 -3.89
CA LYS A 159 -35.41 -5.12 -4.89
C LYS A 159 -35.19 -4.09 -5.98
N ARG A 160 -34.44 -3.04 -5.66
CA ARG A 160 -34.22 -1.90 -6.54
C ARG A 160 -32.84 -1.83 -7.18
N GLU A 161 -31.84 -2.38 -6.51
CA GLU A 161 -30.46 -2.20 -6.92
C GLU A 161 -29.74 -3.51 -6.81
N ARG A 162 -28.74 -3.70 -7.66
CA ARG A 162 -27.82 -4.82 -7.51
C ARG A 162 -26.41 -4.30 -7.10
N PRO A 163 -26.16 -4.20 -5.78
CA PRO A 163 -24.84 -3.73 -5.37
C PRO A 163 -23.69 -4.62 -5.82
N ARG A 164 -22.55 -4.00 -6.10
CA ARG A 164 -21.36 -4.67 -6.60
C ARG A 164 -20.83 -5.54 -5.48
N PHE A 165 -21.03 -5.07 -4.26
CA PHE A 165 -20.84 -5.89 -3.04
C PHE A 165 -21.53 -5.22 -1.86
N LEU A 166 -21.63 -5.96 -0.74
CA LEU A 166 -22.18 -5.44 0.50
C LEU A 166 -20.99 -5.44 1.41
N TYR A 167 -20.65 -4.29 1.96
CA TYR A 167 -19.53 -4.18 2.93
C TYR A 167 -20.14 -4.23 4.34
N LEU A 168 -19.71 -5.19 5.15
CA LEU A 168 -20.30 -5.37 6.46
C LEU A 168 -19.23 -5.68 7.48
N ILE A 169 -19.55 -5.33 8.74
CA ILE A 169 -18.68 -5.57 9.89
C ILE A 169 -19.57 -6.20 10.99
N PRO A 170 -19.94 -7.48 10.83
CA PRO A 170 -20.96 -8.12 11.70
C PRO A 170 -20.54 -8.19 13.15
N SER A 171 -19.23 -8.27 13.38
CA SER A 171 -18.69 -8.44 14.72
C SER A 171 -18.08 -7.16 15.29
N PHE A 172 -18.91 -6.44 16.06
CA PHE A 172 -18.51 -5.19 16.78
C PHE A 172 -18.20 -4.10 15.81
N GLN A 173 -19.24 -3.74 15.05
CA GLN A 173 -19.11 -2.81 13.95
C GLN A 173 -18.38 -1.50 14.32
N ASN A 174 -17.55 -1.05 13.40
CA ASN A 174 -17.01 0.31 13.48
C ASN A 174 -18.00 1.18 12.68
N PRO A 175 -18.64 2.19 13.30
CA PRO A 175 -18.44 2.78 14.63
C PRO A 175 -19.46 2.47 15.73
N THR A 176 -20.55 1.77 15.41
CA THR A 176 -21.65 1.62 16.38
C THR A 176 -21.42 0.57 17.47
N GLY A 177 -20.45 -0.32 17.26
CA GLY A 177 -20.24 -1.48 18.14
C GLY A 177 -21.21 -2.62 17.92
N GLY A 178 -22.14 -2.48 16.99
CA GLY A 178 -23.17 -3.50 16.80
C GLY A 178 -22.67 -4.91 16.58
N LEU A 179 -23.37 -5.87 17.16
CA LEU A 179 -23.12 -7.28 16.87
C LEU A 179 -24.33 -7.85 16.14
N THR A 180 -24.12 -8.32 14.92
CA THR A 180 -25.18 -9.00 14.16
C THR A 180 -25.32 -10.41 14.78
N PRO A 181 -26.49 -10.74 15.36
CA PRO A 181 -26.66 -12.06 15.99
C PRO A 181 -26.80 -13.16 14.96
N LEU A 182 -26.64 -14.41 15.42
CA LEU A 182 -26.61 -15.56 14.51
C LEU A 182 -27.81 -15.69 13.55
N PRO A 183 -29.06 -15.58 14.05
CA PRO A 183 -30.20 -15.66 13.12
C PRO A 183 -30.15 -14.62 11.98
N ALA A 184 -29.76 -13.39 12.29
CA ALA A 184 -29.65 -12.33 11.27
C ALA A 184 -28.52 -12.64 10.29
N ARG A 185 -27.42 -13.21 10.77
CA ARG A 185 -26.33 -13.61 9.86
C ARG A 185 -26.82 -14.68 8.87
N LYS A 186 -27.65 -15.61 9.35
CA LYS A 186 -28.21 -16.68 8.52
C LYS A 186 -29.21 -16.09 7.53
N ARG A 187 -30.02 -15.14 7.99
CA ARG A 187 -30.97 -14.45 7.12
C ARG A 187 -30.24 -13.67 6.02
N LEU A 188 -29.21 -12.94 6.42
CA LEU A 188 -28.34 -12.21 5.50
C LEU A 188 -27.75 -13.14 4.44
N LEU A 189 -27.17 -14.24 4.91
CA LEU A 189 -26.56 -15.21 3.99
C LEU A 189 -27.57 -15.70 2.96
N GLN A 190 -28.77 -16.03 3.42
CA GLN A 190 -29.87 -16.43 2.54
C GLN A 190 -30.22 -15.39 1.48
N MET A 191 -30.26 -14.12 1.89
CA MET A 191 -30.57 -13.01 0.97
C MET A 191 -29.49 -12.88 -0.11
N VAL A 192 -28.24 -13.03 0.30
CA VAL A 192 -27.10 -12.90 -0.60
C VAL A 192 -26.99 -14.13 -1.53
N MET A 193 -27.17 -15.33 -0.99
CA MET A 193 -27.13 -16.55 -1.79
C MET A 193 -28.21 -16.57 -2.86
N GLU A 194 -29.42 -16.18 -2.50
CA GLU A 194 -30.54 -16.14 -3.47
C GLU A 194 -30.30 -15.22 -4.67
N ARG A 195 -29.50 -14.19 -4.46
CA ARG A 195 -29.26 -13.19 -5.47
C ARG A 195 -27.87 -13.27 -6.07
N GLY A 196 -27.06 -14.20 -5.56
CA GLY A 196 -25.68 -14.39 -5.99
C GLY A 196 -24.88 -13.10 -5.82
N LEU A 197 -24.95 -12.51 -4.63
CA LEU A 197 -24.30 -11.22 -4.34
C LEU A 197 -23.00 -11.46 -3.62
N VAL A 198 -22.09 -10.49 -3.72
CA VAL A 198 -20.75 -10.58 -3.07
C VAL A 198 -20.85 -9.85 -1.78
N VAL A 199 -20.22 -10.41 -0.73
CA VAL A 199 -20.13 -9.72 0.53
C VAL A 199 -18.66 -9.54 0.82
N VAL A 200 -18.29 -8.32 1.21
CA VAL A 200 -17.00 -8.10 1.81
C VAL A 200 -17.21 -8.02 3.32
N GLU A 201 -16.69 -9.01 4.04
CA GLU A 201 -16.87 -9.10 5.49
C GLU A 201 -15.57 -8.67 6.17
N ASP A 202 -15.67 -7.57 6.91
CA ASP A 202 -14.51 -6.98 7.57
C ASP A 202 -14.56 -7.48 9.01
N ASP A 203 -13.59 -8.31 9.38
CA ASP A 203 -13.54 -8.97 10.70
C ASP A 203 -12.36 -8.47 11.56
N ALA A 204 -12.09 -7.15 11.51
CA ALA A 204 -10.98 -6.52 12.25
C ALA A 204 -11.07 -6.83 13.75
N TYR A 205 -12.29 -6.85 14.27
CA TYR A 205 -12.54 -7.01 15.71
C TYR A 205 -12.94 -8.43 16.16
N ARG A 206 -12.77 -9.41 15.26
CA ARG A 206 -13.24 -10.81 15.39
C ARG A 206 -13.00 -11.34 16.79
N GLU A 207 -11.76 -11.17 17.23
CA GLU A 207 -11.29 -11.84 18.44
C GLU A 207 -11.58 -11.03 19.71
N LEU A 208 -12.11 -9.82 19.55
CA LEU A 208 -12.32 -8.91 20.68
C LEU A 208 -13.69 -9.08 21.32
N TYR A 209 -14.20 -10.30 21.36
CA TYR A 209 -15.51 -10.57 21.94
C TYR A 209 -15.41 -10.61 23.44
N PHE A 210 -16.41 -10.09 24.14
CA PHE A 210 -16.31 -10.03 25.60
C PHE A 210 -16.96 -11.22 26.27
N GLY A 211 -17.84 -11.90 25.55
CA GLY A 211 -18.65 -12.99 26.11
C GLY A 211 -17.96 -14.34 26.02
N GLU A 212 -18.74 -15.39 26.18
CA GLU A 212 -18.18 -16.74 26.18
C GLU A 212 -17.58 -17.19 24.85
N ALA A 213 -18.23 -16.87 23.73
CA ALA A 213 -17.70 -17.30 22.45
C ALA A 213 -17.97 -16.31 21.33
N ARG A 214 -17.27 -16.46 20.21
CA ARG A 214 -17.59 -15.65 19.06
C ARG A 214 -18.66 -16.32 18.23
N LEU A 215 -19.39 -15.50 17.49
CA LEU A 215 -20.34 -15.99 16.53
C LEU A 215 -19.66 -16.42 15.23
N PRO A 216 -20.24 -17.42 14.53
CA PRO A 216 -19.67 -17.74 13.21
C PRO A 216 -19.71 -16.53 12.28
N SER A 217 -18.63 -16.34 11.52
CA SER A 217 -18.57 -15.29 10.54
C SER A 217 -19.52 -15.63 9.37
N LEU A 218 -19.89 -14.60 8.59
CA LEU A 218 -20.62 -14.82 7.33
C LEU A 218 -19.81 -15.71 6.38
N PHE A 219 -18.49 -15.54 6.40
CA PHE A 219 -17.58 -16.41 5.65
C PHE A 219 -17.67 -17.89 6.07
N GLU A 220 -17.74 -18.15 7.38
CA GLU A 220 -17.88 -19.53 7.86
C GLU A 220 -19.26 -20.12 7.51
N LEU A 221 -20.31 -19.32 7.65
CA LEU A 221 -21.65 -19.75 7.24
C LEU A 221 -21.72 -20.06 5.73
N ALA A 222 -21.11 -19.18 4.93
CA ALA A 222 -20.99 -19.37 3.49
C ALA A 222 -20.21 -20.64 3.15
N ARG A 223 -19.11 -20.87 3.86
CA ARG A 223 -18.27 -22.04 3.61
C ARG A 223 -19.03 -23.35 3.90
N GLU A 224 -19.80 -23.34 4.99
CA GLU A 224 -20.66 -24.44 5.38
C GLU A 224 -21.71 -24.74 4.29
N ALA A 225 -22.28 -23.67 3.74
CA ALA A 225 -23.32 -23.75 2.72
C ALA A 225 -22.75 -24.05 1.32
N GLY A 226 -21.44 -23.87 1.18
CA GLY A 226 -20.77 -24.00 -0.12
C GLY A 226 -20.93 -22.81 -1.06
N TYR A 227 -21.21 -21.64 -0.49
CA TYR A 227 -21.36 -20.40 -1.23
C TYR A 227 -20.01 -19.69 -1.32
N PRO A 228 -19.56 -19.39 -2.56
CA PRO A 228 -18.25 -18.80 -2.76
C PRO A 228 -18.14 -17.26 -2.73
N GLY A 229 -19.24 -16.56 -2.44
CA GLY A 229 -19.27 -15.11 -2.59
C GLY A 229 -18.90 -14.22 -1.41
N VAL A 230 -18.28 -14.77 -0.36
CA VAL A 230 -17.88 -13.91 0.75
C VAL A 230 -16.38 -13.70 0.68
N ILE A 231 -15.96 -12.44 0.60
CA ILE A 231 -14.54 -12.09 0.68
C ILE A 231 -14.28 -11.71 2.12
N TYR A 232 -13.36 -12.42 2.78
CA TYR A 232 -13.17 -12.28 4.22
C TYR A 232 -11.88 -11.50 4.54
N LEU A 233 -12.01 -10.44 5.33
CA LEU A 233 -10.90 -9.57 5.67
C LEU A 233 -10.60 -9.72 7.16
N GLY A 234 -9.35 -9.99 7.48
CA GLY A 234 -8.89 -9.98 8.88
C GLY A 234 -7.58 -9.21 9.06
N SER A 235 -7.25 -8.90 10.31
CA SER A 235 -6.09 -8.07 10.55
C SER A 235 -5.37 -8.53 11.81
N PHE A 236 -4.08 -8.34 11.79
CA PHE A 236 -3.35 -8.51 13.04
C PHE A 236 -3.29 -7.21 13.85
N SER A 237 -3.90 -6.13 13.35
CA SER A 237 -3.76 -4.81 13.97
C SER A 237 -4.35 -4.72 15.37
N LYS A 238 -5.53 -5.32 15.58
CA LYS A 238 -6.22 -5.15 16.88
C LYS A 238 -5.81 -6.22 17.90
N VAL A 239 -5.12 -7.24 17.41
CA VAL A 239 -4.69 -8.33 18.30
C VAL A 239 -3.23 -8.36 18.64
N LEU A 240 -2.41 -7.59 17.91
CA LEU A 240 -0.96 -7.65 18.08
C LEU A 240 -0.31 -6.28 17.90
N SER A 241 -0.31 -5.76 16.69
CA SER A 241 0.42 -4.53 16.42
C SER A 241 -0.16 -3.89 15.20
N PRO A 242 -0.81 -2.74 15.38
CA PRO A 242 -1.36 -2.04 14.21
C PRO A 242 -0.24 -1.43 13.34
N GLY A 243 0.85 -1.00 13.97
CA GLY A 243 1.95 -0.35 13.27
C GLY A 243 2.74 -1.26 12.35
N LEU A 244 2.63 -2.58 12.53
CA LEU A 244 3.33 -3.55 11.65
C LEU A 244 2.71 -3.59 10.25
N ARG A 245 1.45 -3.18 10.18
CA ARG A 245 0.65 -3.18 8.91
C ARG A 245 0.62 -4.59 8.24
N VAL A 246 0.07 -5.57 8.94
CA VAL A 246 -0.01 -6.95 8.42
C VAL A 246 -1.42 -7.49 8.64
N ALA A 247 -2.07 -7.90 7.55
CA ALA A 247 -3.45 -8.33 7.58
C ALA A 247 -3.62 -9.31 6.43
N PHE A 248 -4.87 -9.71 6.14
CA PHE A 248 -5.10 -10.73 5.12
C PHE A 248 -6.49 -10.62 4.48
N ALA A 249 -6.54 -11.08 3.25
CA ALA A 249 -7.79 -11.28 2.52
C ALA A 249 -7.84 -12.78 2.18
N VAL A 250 -9.00 -13.38 2.42
CA VAL A 250 -9.30 -14.77 2.06
C VAL A 250 -10.50 -14.73 1.07
N ALA A 251 -10.36 -15.38 -0.09
CA ALA A 251 -11.37 -15.25 -1.15
C ALA A 251 -11.30 -16.41 -2.13
N HIS A 252 -12.39 -16.58 -2.88
CA HIS A 252 -12.48 -17.55 -3.96
C HIS A 252 -11.28 -17.31 -4.91
N PRO A 253 -10.64 -18.38 -5.43
CA PRO A 253 -9.46 -18.14 -6.29
C PRO A 253 -9.57 -17.09 -7.41
N GLU A 254 -10.74 -16.96 -8.07
CA GLU A 254 -10.92 -15.95 -9.11
C GLU A 254 -10.80 -14.52 -8.57
N ALA A 255 -11.51 -14.28 -7.48
CA ALA A 255 -11.46 -12.99 -6.79
C ALA A 255 -10.07 -12.73 -6.21
N LEU A 256 -9.48 -13.75 -5.60
CA LEU A 256 -8.18 -13.55 -4.99
C LEU A 256 -7.14 -13.20 -6.07
N GLN A 257 -7.18 -13.86 -7.23
CA GLN A 257 -6.21 -13.54 -8.29
C GLN A 257 -6.28 -12.05 -8.68
N LYS A 258 -7.48 -11.51 -8.88
CA LYS A 258 -7.59 -10.08 -9.14
C LYS A 258 -7.06 -9.18 -8.02
N LEU A 259 -7.30 -9.57 -6.76
CA LEU A 259 -6.80 -8.82 -5.60
C LEU A 259 -5.26 -8.87 -5.53
N VAL A 260 -4.70 -10.03 -5.87
CA VAL A 260 -3.24 -10.21 -5.97
C VAL A 260 -2.66 -9.28 -7.04
N GLN A 261 -3.29 -9.26 -8.24
CA GLN A 261 -2.74 -8.46 -9.34
C GLN A 261 -2.89 -6.96 -9.05
N ALA A 262 -3.99 -6.56 -8.41
CA ALA A 262 -4.15 -5.17 -7.99
C ALA A 262 -3.08 -4.81 -6.96
N LYS A 263 -2.80 -5.73 -6.03
CA LYS A 263 -1.74 -5.51 -5.03
C LYS A 263 -0.35 -5.29 -5.64
N GLN A 264 0.02 -6.12 -6.62
CA GLN A 264 1.28 -5.90 -7.35
C GLN A 264 1.48 -4.43 -7.75
N GLY A 265 0.45 -3.80 -8.33
CA GLY A 265 0.57 -2.38 -8.65
C GLY A 265 0.46 -1.42 -7.47
N ALA A 266 -0.16 -1.86 -6.37
CA ALA A 266 -0.32 -1.01 -5.18
C ALA A 266 0.97 -0.87 -4.36
N ASP A 267 1.70 -1.97 -4.17
CA ASP A 267 2.93 -1.88 -3.36
C ASP A 267 3.96 -3.00 -3.56
N LEU A 268 3.76 -3.77 -4.63
CA LEU A 268 4.49 -5.01 -4.92
C LEU A 268 4.12 -6.09 -3.90
N HIS A 269 4.57 -5.91 -2.65
CA HIS A 269 4.30 -6.88 -1.61
C HIS A 269 4.45 -6.21 -0.24
N THR A 270 3.73 -6.78 0.72
CA THR A 270 3.79 -6.35 2.12
C THR A 270 5.21 -6.67 2.67
N PRO A 271 5.81 -5.72 3.43
CA PRO A 271 7.17 -5.90 3.96
C PRO A 271 7.37 -7.29 4.58
N MET A 272 8.44 -7.94 4.14
CA MET A 272 8.74 -9.32 4.52
C MET A 272 9.10 -9.48 6.01
N LEU A 273 9.96 -8.61 6.53
CA LEU A 273 10.29 -8.64 7.96
C LEU A 273 9.02 -8.65 8.80
N ASN A 274 8.04 -7.83 8.43
CA ASN A 274 6.83 -7.61 9.23
C ASN A 274 5.99 -8.90 9.32
N GLN A 275 5.89 -9.60 8.18
CA GLN A 275 5.09 -10.83 8.07
C GLN A 275 5.72 -11.96 8.86
N MET A 276 7.03 -12.07 8.69
CA MET A 276 7.88 -13.00 9.45
C MET A 276 7.78 -12.78 10.97
N LEU A 277 7.78 -11.52 11.35
CA LEU A 277 7.70 -11.11 12.76
C LEU A 277 6.35 -11.49 13.35
N VAL A 278 5.26 -11.22 12.60
CA VAL A 278 3.95 -11.63 13.07
C VAL A 278 3.92 -13.15 13.24
N HIS A 279 4.47 -13.87 12.27
CA HIS A 279 4.36 -15.29 12.33
C HIS A 279 5.15 -15.82 13.53
N GLU A 280 6.34 -15.27 13.73
CA GLU A 280 7.20 -15.70 14.87
C GLU A 280 6.53 -15.42 16.21
N LEU A 281 5.82 -14.31 16.30
CA LEU A 281 5.18 -13.95 17.55
C LEU A 281 3.96 -14.82 17.88
N LEU A 282 3.26 -15.25 16.83
CA LEU A 282 1.96 -15.91 16.97
C LEU A 282 1.98 -17.41 16.85
N LYS A 283 3.06 -17.96 16.32
CA LYS A 283 3.07 -19.38 16.01
C LYS A 283 2.95 -20.25 17.28
N GLU A 284 3.35 -19.71 18.43
CA GLU A 284 3.02 -20.33 19.72
C GLU A 284 2.42 -19.31 20.69
N GLY A 285 1.39 -19.74 21.40
CA GLY A 285 0.77 -18.91 22.43
C GLY A 285 -0.35 -17.98 21.95
N PHE A 286 -0.81 -18.14 20.72
CA PHE A 286 -1.83 -17.22 20.16
C PHE A 286 -3.17 -17.20 20.95
N SER A 287 -3.70 -18.36 21.30
CA SER A 287 -4.96 -18.43 22.05
C SER A 287 -4.84 -17.75 23.40
N GLU A 288 -3.71 -18.00 24.09
CA GLU A 288 -3.42 -17.36 25.37
C GLU A 288 -3.31 -15.82 25.26
N ARG A 289 -2.59 -15.33 24.25
CA ARG A 289 -2.57 -13.91 23.91
C ARG A 289 -3.97 -13.35 23.68
N LEU A 290 -4.79 -14.10 22.96
CA LEU A 290 -6.14 -13.63 22.62
C LEU A 290 -7.02 -13.56 23.85
N GLU A 291 -6.81 -14.46 24.80
CA GLU A 291 -7.56 -14.44 26.05
C GLU A 291 -7.26 -13.15 26.85
N ARG A 292 -5.99 -12.78 26.88
CA ARG A 292 -5.55 -11.55 27.54
C ARG A 292 -6.10 -10.32 26.85
N VAL A 293 -6.00 -10.27 25.52
CA VAL A 293 -6.60 -9.18 24.72
C VAL A 293 -8.06 -8.95 25.13
N ARG A 294 -8.84 -10.03 25.10
CA ARG A 294 -10.26 -9.99 25.44
C ARG A 294 -10.51 -9.42 26.81
N ARG A 295 -9.74 -9.87 27.79
CA ARG A 295 -9.89 -9.42 29.16
CA ARG A 295 -9.89 -9.42 29.16
C ARG A 295 -9.59 -7.93 29.28
N VAL A 296 -8.47 -7.51 28.67
CA VAL A 296 -8.03 -6.12 28.74
C VAL A 296 -9.11 -5.17 28.17
N TYR A 297 -9.66 -5.51 27.01
CA TYR A 297 -10.73 -4.68 26.41
C TYR A 297 -12.08 -4.78 27.11
N ARG A 298 -12.44 -5.98 27.58
CA ARG A 298 -13.62 -6.12 28.45
C ARG A 298 -13.53 -5.17 29.65
N GLU A 299 -12.41 -5.18 30.40
CA GLU A 299 -12.26 -4.27 31.54
C GLU A 299 -12.34 -2.77 31.17
N LYS A 300 -11.79 -2.39 30.01
CA LYS A 300 -11.80 -1.00 29.59
C LYS A 300 -13.23 -0.60 29.25
N ALA A 301 -13.93 -1.50 28.57
CA ALA A 301 -15.31 -1.28 28.16
C ALA A 301 -16.19 -1.12 29.39
N GLN A 302 -15.96 -1.95 30.39
CA GLN A 302 -16.71 -1.90 31.66
C GLN A 302 -16.48 -0.58 32.37
N ALA A 303 -15.21 -0.13 32.41
CA ALA A 303 -14.87 1.16 33.00
C ALA A 303 -15.53 2.30 32.24
N MET A 304 -15.52 2.19 30.92
CA MET A 304 -16.13 3.17 30.04
C MET A 304 -17.62 3.30 30.31
N LEU A 305 -18.33 2.17 30.34
CA LEU A 305 -19.78 2.19 30.62
C LEU A 305 -20.13 2.66 32.03
N HIS A 306 -19.31 2.29 33.01
CA HIS A 306 -19.51 2.73 34.38
C HIS A 306 -19.45 4.26 34.45
N ALA A 307 -18.44 4.84 33.78
CA ALA A 307 -18.24 6.28 33.82
C ALA A 307 -19.34 7.02 33.04
N LEU A 308 -19.73 6.50 31.87
CA LEU A 308 -20.81 7.14 31.10
C LEU A 308 -22.12 7.12 31.89
N ASP A 309 -22.39 6.01 32.54
CA ASP A 309 -23.63 5.87 33.30
C ASP A 309 -23.71 6.89 34.45
N ARG A 310 -22.56 7.20 35.03
CA ARG A 310 -22.44 8.15 36.14
C ARG A 310 -22.36 9.62 35.67
N GLU A 311 -21.69 9.86 34.54
CA GLU A 311 -21.35 11.24 34.14
C GLU A 311 -22.20 11.84 33.01
N VAL A 312 -22.89 11.02 32.24
CA VAL A 312 -23.60 11.50 31.05
C VAL A 312 -25.09 11.65 31.31
N PRO A 313 -25.66 12.84 31.00
CA PRO A 313 -27.08 13.00 31.28
C PRO A 313 -27.90 11.97 30.52
N LYS A 314 -29.07 11.61 31.07
CA LYS A 314 -29.85 10.49 30.56
C LYS A 314 -30.51 10.76 29.21
N GLU A 315 -30.58 12.05 28.83
CA GLU A 315 -31.13 12.47 27.54
C GLU A 315 -30.19 12.15 26.38
N VAL A 316 -28.97 11.72 26.70
CA VAL A 316 -27.99 11.41 25.69
C VAL A 316 -27.99 9.90 25.54
N ARG A 317 -28.03 9.42 24.30
CA ARG A 317 -28.02 7.98 24.00
C ARG A 317 -26.61 7.49 23.65
N TYR A 318 -26.26 6.31 24.15
CA TYR A 318 -25.00 5.61 23.75
C TYR A 318 -25.14 4.10 23.80
N THR A 319 -24.44 3.44 22.89
CA THR A 319 -24.53 2.00 22.72
C THR A 319 -23.71 1.34 23.85
N ARG A 320 -23.94 0.05 24.05
CA ARG A 320 -23.21 -0.71 25.06
C ARG A 320 -22.52 -1.87 24.36
N PRO A 321 -21.17 -1.91 24.37
CA PRO A 321 -20.51 -2.89 23.52
C PRO A 321 -20.51 -4.32 24.09
N LYS A 322 -20.54 -5.31 23.21
CA LYS A 322 -20.39 -6.71 23.57
C LYS A 322 -19.01 -7.21 23.11
N GLY A 323 -18.21 -6.27 22.60
CA GLY A 323 -16.95 -6.57 21.97
C GLY A 323 -16.36 -5.33 21.32
N GLY A 324 -15.17 -5.50 20.77
CA GLY A 324 -14.48 -4.42 20.06
C GLY A 324 -14.04 -3.24 20.91
N MET A 325 -13.95 -2.08 20.26
CA MET A 325 -13.27 -0.90 20.84
C MET A 325 -14.11 0.35 21.09
N PHE A 326 -15.37 0.34 20.66
CA PHE A 326 -16.12 1.60 20.52
C PHE A 326 -17.46 1.64 21.23
N VAL A 327 -17.78 2.84 21.71
CA VAL A 327 -19.13 3.27 22.08
C VAL A 327 -19.60 4.34 21.08
N TRP A 328 -20.84 4.23 20.63
CA TRP A 328 -21.44 5.18 19.71
C TRP A 328 -22.47 6.01 20.44
N MET A 329 -22.32 7.34 20.37
CA MET A 329 -23.16 8.28 21.12
C MET A 329 -24.00 9.17 20.19
N GLU A 330 -25.25 9.37 20.58
CA GLU A 330 -26.18 10.20 19.83
C GLU A 330 -26.69 11.33 20.72
N LEU A 331 -26.46 12.56 20.29
CA LEU A 331 -26.78 13.74 21.10
C LEU A 331 -28.22 14.15 20.83
N PRO A 332 -28.94 14.63 21.87
CA PRO A 332 -30.35 14.99 21.69
C PRO A 332 -30.50 16.46 21.33
N LYS A 333 -31.76 16.90 21.28
CA LYS A 333 -32.14 18.27 20.90
C LYS A 333 -31.15 19.02 20.00
N GLY A 334 -30.81 18.40 18.88
CA GLY A 334 -30.03 19.03 17.82
C GLY A 334 -28.60 19.46 18.13
N LEU A 335 -28.04 19.02 19.26
CA LEU A 335 -26.66 19.30 19.59
C LEU A 335 -25.68 18.81 18.51
N SER A 336 -24.67 19.63 18.22
CA SER A 336 -23.63 19.28 17.26
C SER A 336 -22.49 18.50 17.92
N ALA A 337 -22.09 17.37 17.31
CA ALA A 337 -20.90 16.65 17.77
C ALA A 337 -19.63 17.47 17.56
N GLU A 338 -19.61 18.26 16.49
CA GLU A 338 -18.50 19.17 16.22
C GLU A 338 -18.41 20.25 17.31
N GLY A 339 -19.56 20.74 17.75
CA GLY A 339 -19.63 21.67 18.92
C GLY A 339 -19.04 21.04 20.17
N LEU A 340 -19.50 19.84 20.49
CA LEU A 340 -18.98 19.10 21.63
C LEU A 340 -17.49 18.82 21.51
N PHE A 341 -17.05 18.53 20.27
CA PHE A 341 -15.65 18.26 19.96
C PHE A 341 -14.76 19.42 20.37
N ARG A 342 -15.18 20.62 19.97
CA ARG A 342 -14.52 21.87 20.34
C ARG A 342 -14.36 22.02 21.86
N ARG A 343 -15.47 21.89 22.60
CA ARG A 343 -15.47 21.97 24.07
C ARG A 343 -14.57 20.92 24.69
N ALA A 344 -14.75 19.67 24.30
CA ALA A 344 -13.99 18.58 24.90
C ALA A 344 -12.49 18.78 24.67
N LEU A 345 -12.10 19.21 23.47
CA LEU A 345 -10.69 19.35 23.11
C LEU A 345 -10.04 20.46 23.94
N GLU A 346 -10.82 21.46 24.32
CA GLU A 346 -10.29 22.51 25.20
C GLU A 346 -9.94 21.90 26.56
N GLU A 347 -10.61 20.79 26.90
CA GLU A 347 -10.37 20.08 28.15
CA GLU A 347 -10.35 20.08 28.15
C GLU A 347 -9.44 18.86 27.95
N ASN A 348 -8.71 18.88 26.82
CA ASN A 348 -7.75 17.84 26.44
C ASN A 348 -8.37 16.46 26.21
N VAL A 349 -9.59 16.44 25.69
CA VAL A 349 -10.28 15.19 25.42
C VAL A 349 -10.61 15.18 23.94
N ALA A 350 -10.21 14.09 23.26
CA ALA A 350 -10.46 13.92 21.84
C ALA A 350 -11.40 12.73 21.58
N PHE A 351 -12.36 12.93 20.66
CA PHE A 351 -13.15 11.82 20.15
C PHE A 351 -13.34 12.05 18.63
N VAL A 352 -14.05 11.15 17.97
CA VAL A 352 -14.28 11.31 16.53
C VAL A 352 -15.74 11.69 16.27
N PRO A 353 -15.99 12.92 15.76
CA PRO A 353 -17.34 13.31 15.33
C PRO A 353 -17.92 12.35 14.26
N GLY A 354 -19.23 12.10 14.31
CA GLY A 354 -19.80 10.92 13.64
C GLY A 354 -20.14 11.16 12.17
N GLY A 355 -20.19 12.44 11.81
CA GLY A 355 -20.53 12.88 10.45
C GLY A 355 -19.88 12.04 9.33
N PRO A 356 -18.53 11.95 9.29
CA PRO A 356 -17.85 11.25 8.18
C PRO A 356 -18.01 9.73 8.11
N PHE A 357 -18.62 9.12 9.12
CA PHE A 357 -18.99 7.71 9.06
C PHE A 357 -20.23 7.48 8.22
N PHE A 358 -20.87 8.56 7.78
CA PHE A 358 -22.10 8.50 6.98
C PHE A 358 -21.69 8.80 5.53
N ALA A 359 -21.67 7.77 4.70
CA ALA A 359 -21.18 7.89 3.32
C ALA A 359 -22.00 8.92 2.52
N ASN A 360 -23.29 9.08 2.83
CA ASN A 360 -24.12 10.04 2.12
C ASN A 360 -24.47 11.31 2.94
N GLY A 361 -23.72 11.55 4.03
CA GLY A 361 -23.96 12.71 4.92
C GLY A 361 -24.95 12.43 6.04
N GLY A 362 -25.16 13.41 6.91
CA GLY A 362 -26.03 13.23 8.08
C GLY A 362 -25.19 12.83 9.29
N GLY A 363 -25.87 12.51 10.39
CA GLY A 363 -25.19 12.03 11.58
C GLY A 363 -24.40 13.10 12.29
N GLU A 364 -24.75 14.38 12.06
CA GLU A 364 -24.07 15.49 12.73
C GLU A 364 -24.19 15.46 14.26
N ASN A 365 -25.17 14.73 14.79
CA ASN A 365 -25.39 14.66 16.24
C ASN A 365 -24.77 13.39 16.87
N THR A 366 -23.96 12.69 16.10
CA THR A 366 -23.38 11.42 16.56
C THR A 366 -21.87 11.54 16.74
N LEU A 367 -21.30 10.62 17.51
CA LEU A 367 -19.84 10.59 17.73
C LEU A 367 -19.38 9.20 18.15
N ARG A 368 -18.16 8.86 17.78
CA ARG A 368 -17.60 7.61 18.22
C ARG A 368 -16.59 7.84 19.33
N LEU A 369 -16.66 7.03 20.37
CA LEU A 369 -15.67 6.99 21.46
C LEU A 369 -14.99 5.64 21.49
N SER A 370 -13.66 5.67 21.54
CA SER A 370 -12.88 4.48 21.71
C SER A 370 -12.32 4.38 23.13
N TYR A 371 -12.57 3.25 23.77
CA TYR A 371 -12.00 2.99 25.10
C TYR A 371 -10.76 2.10 25.01
N ALA A 372 -10.19 1.97 23.82
CA ALA A 372 -9.06 1.05 23.62
C ALA A 372 -7.74 1.57 24.21
N THR A 373 -7.52 2.88 24.12
CA THR A 373 -6.19 3.43 24.40
C THR A 373 -5.93 3.72 25.88
N LEU A 374 -6.90 4.36 26.53
CA LEU A 374 -6.73 4.89 27.90
C LEU A 374 -6.80 3.79 28.94
N ASP A 375 -6.06 3.95 30.05
CA ASP A 375 -6.19 3.06 31.21
C ASP A 375 -7.49 3.43 31.95
N ARG A 376 -7.88 2.64 32.96
CA ARG A 376 -9.16 2.91 33.65
CA ARG A 376 -9.13 2.88 33.70
C ARG A 376 -9.25 4.31 34.25
N GLU A 377 -8.14 4.81 34.78
CA GLU A 377 -8.10 6.14 35.38
CA GLU A 377 -8.09 6.15 35.37
C GLU A 377 -8.40 7.20 34.33
N GLY A 378 -7.75 7.08 33.17
CA GLY A 378 -7.88 8.02 32.10
C GLY A 378 -9.27 7.97 31.50
N ILE A 379 -9.84 6.76 31.44
CA ILE A 379 -11.20 6.58 30.92
C ILE A 379 -12.17 7.34 31.83
N ALA A 380 -12.02 7.14 33.13
CA ALA A 380 -12.92 7.77 34.09
C ALA A 380 -12.81 9.30 34.05
N GLU A 381 -11.59 9.81 33.97
CA GLU A 381 -11.36 11.26 33.96
C GLU A 381 -11.85 11.88 32.64
N GLY A 382 -11.51 11.24 31.53
CA GLY A 382 -11.89 11.74 30.22
C GLY A 382 -13.40 11.82 30.08
N VAL A 383 -14.10 10.79 30.54
CA VAL A 383 -15.58 10.76 30.49
C VAL A 383 -16.22 11.78 31.46
N ARG A 384 -15.59 11.98 32.61
CA ARG A 384 -16.02 13.08 33.50
C ARG A 384 -16.00 14.44 32.77
N ARG A 385 -14.91 14.72 32.04
CA ARG A 385 -14.79 15.97 31.29
C ARG A 385 -15.83 16.07 30.17
N LEU A 386 -16.03 14.97 29.44
CA LEU A 386 -17.03 14.94 28.38
C LEU A 386 -18.42 15.23 28.92
N GLY A 387 -18.72 14.59 30.06
CA GLY A 387 -20.00 14.71 30.73
C GLY A 387 -20.22 16.15 31.13
N ARG A 388 -19.18 16.76 31.70
CA ARG A 388 -19.23 18.17 32.08
C ARG A 388 -19.54 19.00 30.86
N ALA A 389 -18.78 18.75 29.78
CA ALA A 389 -18.98 19.44 28.51
C ALA A 389 -20.40 19.31 27.97
N LEU A 390 -20.95 18.09 27.97
CA LEU A 390 -22.33 17.86 27.49
C LEU A 390 -23.38 18.65 28.26
N LYS A 391 -23.28 18.62 29.59
CA LYS A 391 -24.23 19.29 30.45
CA LYS A 391 -24.23 19.29 30.45
C LYS A 391 -24.24 20.79 30.15
N GLY A 392 -23.06 21.37 29.95
CA GLY A 392 -22.94 22.79 29.66
C GLY A 392 -23.65 23.11 28.35
N LEU A 393 -23.38 22.29 27.32
CA LEU A 393 -24.04 22.44 26.03
C LEU A 393 -25.55 22.21 26.10
N LEU A 394 -25.97 21.15 26.79
CA LEU A 394 -27.40 20.87 26.99
C LEU A 394 -28.13 22.03 27.70
N ALA A 395 -27.41 22.69 28.60
CA ALA A 395 -27.98 23.81 29.36
C ALA A 395 -28.34 24.99 28.46
N LEU A 396 -27.59 25.13 27.37
CA LEU A 396 -27.63 26.32 26.55
C LEU A 396 -28.25 26.18 25.15
N VAL A 397 -28.62 24.96 24.76
CA VAL A 397 -29.23 24.69 23.42
C VAL A 397 -30.23 25.77 23.05
N MET B 1 -31.60 -20.00 -6.77
CA MET B 1 -30.41 -19.18 -6.46
C MET B 1 -29.74 -18.68 -7.73
N LYS B 2 -29.70 -17.37 -7.89
CA LYS B 2 -28.94 -16.73 -8.96
C LYS B 2 -27.46 -17.10 -8.82
N PRO B 3 -26.90 -17.71 -9.87
CA PRO B 3 -25.49 -18.09 -9.87
C PRO B 3 -24.57 -16.88 -9.70
N LEU B 4 -23.51 -17.04 -8.92
CA LEU B 4 -22.47 -16.03 -8.86
C LEU B 4 -21.41 -16.35 -9.92
N SER B 5 -21.15 -15.37 -10.79
CA SER B 5 -20.11 -15.51 -11.80
C SER B 5 -19.09 -14.40 -11.55
N TRP B 6 -17.86 -14.75 -11.18
CA TRP B 6 -16.84 -13.73 -10.88
C TRP B 6 -16.53 -12.76 -12.02
N SER B 7 -16.39 -13.29 -13.24
N SER B 7 -16.39 -13.30 -13.24
CA SER B 7 -16.12 -12.46 -14.42
CA SER B 7 -16.14 -12.49 -14.44
C SER B 7 -17.21 -11.42 -14.63
C SER B 7 -17.22 -11.42 -14.60
N GLU B 8 -18.44 -11.78 -14.24
CA GLU B 8 -19.59 -10.88 -14.29
C GLU B 8 -19.66 -9.92 -13.09
N ALA B 9 -19.22 -10.41 -11.92
CA ALA B 9 -19.23 -9.65 -10.67
C ALA B 9 -18.23 -8.49 -10.66
N PHE B 10 -17.06 -8.73 -11.26
CA PHE B 10 -15.99 -7.74 -11.36
C PHE B 10 -16.43 -6.44 -12.04
N GLY B 11 -15.86 -5.30 -11.62
CA GLY B 11 -16.04 -4.03 -12.35
C GLY B 11 -15.16 -3.94 -13.58
N LYS B 12 -15.26 -2.81 -14.31
CA LYS B 12 -14.46 -2.56 -15.53
C LYS B 12 -12.99 -2.54 -15.17
N GLY B 13 -12.72 -2.00 -13.99
CA GLY B 13 -11.39 -1.95 -13.42
C GLY B 13 -10.70 -3.26 -13.52
N ALA B 14 -11.39 -4.33 -13.11
CA ALA B 14 -10.82 -5.67 -13.09
C ALA B 14 -10.26 -6.12 -14.44
N GLY B 15 -10.90 -5.69 -15.53
CA GLY B 15 -10.38 -5.99 -16.86
C GLY B 15 -9.02 -5.36 -17.13
N ARG B 16 -8.71 -4.27 -16.42
CA ARG B 16 -7.45 -3.53 -16.61
C ARG B 16 -6.37 -4.09 -15.69
N ILE B 17 -6.78 -5.01 -14.82
CA ILE B 17 -5.88 -5.68 -13.88
C ILE B 17 -5.28 -6.93 -14.55
N GLN B 18 -3.95 -6.96 -14.65
CA GLN B 18 -3.24 -8.11 -15.22
C GLN B 18 -1.99 -8.33 -14.35
N ALA B 19 -1.47 -9.56 -14.35
CA ALA B 19 -0.21 -9.88 -13.65
C ALA B 19 1.00 -9.15 -14.25
N SER B 20 1.94 -8.79 -13.38
CA SER B 20 3.24 -8.29 -13.78
C SER B 20 4.13 -9.51 -13.97
N THR B 21 4.82 -9.60 -15.11
CA THR B 21 5.69 -10.75 -15.33
C THR B 21 6.86 -10.67 -14.37
N ILE B 22 7.27 -9.45 -14.04
CA ILE B 22 8.35 -9.26 -13.06
C ILE B 22 7.98 -9.91 -11.71
N ARG B 23 6.79 -9.58 -11.23
CA ARG B 23 6.30 -10.09 -9.97
C ARG B 23 6.11 -11.60 -10.01
N GLU B 24 5.58 -12.09 -11.12
CA GLU B 24 5.34 -13.53 -11.24
C GLU B 24 6.66 -14.32 -11.34
N LEU B 25 7.66 -13.75 -12.03
CA LEU B 25 8.93 -14.45 -12.25
C LEU B 25 9.70 -14.70 -10.96
N LEU B 26 9.47 -13.85 -9.94
CA LEU B 26 10.13 -14.04 -8.64
C LEU B 26 9.83 -15.42 -8.04
N LYS B 27 8.65 -15.94 -8.31
CA LYS B 27 8.21 -17.25 -7.81
C LYS B 27 9.13 -18.38 -8.29
N LEU B 28 9.67 -18.19 -9.49
CA LEU B 28 10.53 -19.14 -10.17
C LEU B 28 12.00 -18.91 -9.77
N THR B 29 12.43 -17.66 -9.82
CA THR B 29 13.84 -17.30 -9.69
C THR B 29 14.36 -17.46 -8.27
N GLN B 30 13.47 -17.40 -7.29
CA GLN B 30 13.90 -17.50 -5.90
C GLN B 30 14.03 -18.96 -5.49
N ARG B 31 13.65 -19.88 -6.39
CA ARG B 31 13.87 -21.30 -6.18
C ARG B 31 15.34 -21.65 -6.42
N PRO B 32 15.89 -22.60 -5.63
CA PRO B 32 17.31 -22.95 -5.85
C PRO B 32 17.59 -23.53 -7.25
N GLY B 33 18.81 -23.34 -7.73
CA GLY B 33 19.25 -23.84 -9.05
C GLY B 33 19.14 -22.87 -10.23
N ILE B 34 18.21 -21.92 -10.13
CA ILE B 34 17.98 -20.94 -11.19
C ILE B 34 19.06 -19.85 -11.17
N LEU B 35 19.61 -19.54 -12.34
CA LEU B 35 20.45 -18.37 -12.51
C LEU B 35 19.53 -17.24 -13.00
N SER B 36 19.28 -16.27 -12.13
CA SER B 36 18.30 -15.24 -12.44
C SER B 36 18.91 -13.93 -12.93
N PHE B 37 18.58 -13.58 -14.17
CA PHE B 37 18.75 -12.24 -14.69
C PHE B 37 17.37 -11.59 -14.80
N ALA B 38 16.45 -11.92 -13.90
CA ALA B 38 15.08 -11.44 -14.04
C ALA B 38 14.82 -10.14 -13.27
N GLY B 39 14.15 -10.21 -12.11
CA GLY B 39 13.91 -8.99 -11.34
C GLY B 39 15.17 -8.27 -10.86
N GLY B 40 15.05 -6.96 -10.66
CA GLY B 40 16.13 -6.13 -10.16
C GLY B 40 16.29 -6.30 -8.67
N LEU B 41 16.80 -7.47 -8.27
CA LEU B 41 16.96 -7.82 -6.86
C LEU B 41 18.40 -7.57 -6.50
N PRO B 42 18.65 -6.72 -5.49
CA PRO B 42 20.01 -6.45 -5.01
C PRO B 42 20.74 -7.68 -4.58
N ALA B 43 22.06 -7.58 -4.65
CA ALA B 43 22.96 -8.60 -4.17
C ALA B 43 22.76 -8.75 -2.66
N PRO B 44 22.46 -9.99 -2.22
CA PRO B 44 22.23 -10.34 -0.82
C PRO B 44 23.42 -10.02 0.07
N GLU B 45 24.64 -10.00 -0.47
CA GLU B 45 25.82 -9.67 0.33
CA GLU B 45 25.85 -9.65 0.28
C GLU B 45 25.81 -8.21 0.79
N LEU B 46 25.03 -7.38 0.11
CA LEU B 46 24.92 -5.98 0.51
C LEU B 46 23.91 -5.77 1.61
N PHE B 47 23.12 -6.80 1.93
CA PHE B 47 22.16 -6.67 3.02
C PHE B 47 22.92 -6.60 4.33
N PRO B 48 22.80 -5.47 5.05
CA PRO B 48 23.40 -5.26 6.37
C PRO B 48 22.57 -5.99 7.43
N LYS B 49 22.52 -7.32 7.33
CA LYS B 49 21.60 -8.11 8.14
C LYS B 49 21.96 -8.07 9.63
N GLU B 50 23.25 -8.20 9.94
CA GLU B 50 23.74 -8.08 11.32
C GLU B 50 23.40 -6.72 11.96
N GLU B 51 23.72 -5.64 11.26
CA GLU B 51 23.40 -4.28 11.69
CA GLU B 51 23.38 -4.30 11.75
C GLU B 51 21.89 -4.02 11.77
N ALA B 52 21.15 -4.58 10.80
CA ALA B 52 19.70 -4.46 10.80
C ALA B 52 19.08 -5.15 12.01
N ALA B 53 19.58 -6.33 12.34
CA ALA B 53 19.19 -7.06 13.56
C ALA B 53 19.40 -6.26 14.86
N GLU B 54 20.62 -5.73 15.07
CA GLU B 54 20.89 -4.84 16.21
C GLU B 54 19.94 -3.65 16.28
N ALA B 55 19.79 -2.96 15.15
CA ALA B 55 18.94 -1.77 15.04
C ALA B 55 17.45 -2.09 15.32
N ALA B 56 16.95 -3.16 14.72
CA ALA B 56 15.55 -3.61 14.91
C ALA B 56 15.23 -3.86 16.37
N ALA B 57 16.11 -4.62 17.04
CA ALA B 57 15.93 -4.96 18.45
C ALA B 57 15.97 -3.73 19.36
N ARG B 58 16.89 -2.81 19.08
CA ARG B 58 17.03 -1.60 19.87
C ARG B 58 15.80 -0.70 19.70
N ILE B 59 15.31 -0.59 18.46
CA ILE B 59 14.08 0.17 18.19
C ILE B 59 12.89 -0.42 18.97
N LEU B 60 12.80 -1.74 18.97
CA LEU B 60 11.68 -2.41 19.62
C LEU B 60 11.71 -2.34 21.14
N ARG B 61 12.90 -2.52 21.70
CA ARG B 61 13.11 -2.36 23.13
C ARG B 61 12.90 -0.91 23.64
N GLU B 62 13.52 0.06 22.98
CA GLU B 62 13.52 1.44 23.44
C GLU B 62 12.34 2.30 22.98
N LYS B 63 11.84 2.00 21.78
CA LYS B 63 10.79 2.81 21.18
C LYS B 63 9.68 1.94 20.61
N GLY B 64 9.49 0.79 21.24
CA GLY B 64 8.49 -0.22 20.81
C GLY B 64 7.07 0.30 20.70
N GLU B 65 6.69 1.16 21.63
CA GLU B 65 5.36 1.74 21.64
CA GLU B 65 5.36 1.76 21.65
C GLU B 65 5.10 2.55 20.38
N VAL B 66 6.17 3.18 19.85
CA VAL B 66 6.05 3.97 18.64
C VAL B 66 6.11 3.06 17.44
N ALA B 67 7.06 2.13 17.44
CA ALA B 67 7.27 1.20 16.32
C ALA B 67 6.04 0.36 16.02
N LEU B 68 5.33 -0.01 17.09
CA LEU B 68 4.22 -0.97 16.99
C LEU B 68 2.82 -0.36 16.91
N GLN B 69 2.71 0.95 17.13
CA GLN B 69 1.42 1.64 17.16
C GLN B 69 1.05 2.28 15.81
N TYR B 70 -0.23 2.57 15.64
CA TYR B 70 -0.63 3.39 14.49
C TYR B 70 0.12 4.73 14.52
N SER B 71 0.49 5.26 13.35
CA SER B 71 1.20 6.56 13.23
C SER B 71 0.52 7.42 12.17
N PRO B 72 0.73 8.76 12.20
CA PRO B 72 0.18 9.53 11.07
C PRO B 72 0.75 9.13 9.70
N THR B 73 -0.01 9.42 8.66
CA THR B 73 0.31 8.94 7.30
C THR B 73 1.62 9.49 6.70
N GLU B 74 1.99 10.71 7.06
CA GLU B 74 3.12 11.36 6.37
C GLU B 74 4.46 10.64 6.55
N GLY B 75 4.65 10.05 7.73
CA GLY B 75 5.83 9.25 7.99
C GLY B 75 6.56 9.65 9.25
N TYR B 76 7.49 8.79 9.66
CA TYR B 76 8.33 9.02 10.82
C TYR B 76 9.13 10.31 10.65
N ALA B 77 8.91 11.25 11.57
CA ALA B 77 9.55 12.56 11.50
C ALA B 77 11.06 12.58 11.18
N PRO B 78 11.91 11.84 11.96
CA PRO B 78 13.33 11.89 11.63
C PRO B 78 13.74 11.30 10.26
N LEU B 79 12.95 10.38 9.73
CA LEU B 79 13.15 9.87 8.35
C LEU B 79 12.81 10.94 7.29
N ARG B 80 11.68 11.61 7.48
CA ARG B 80 11.26 12.68 6.58
C ARG B 80 12.32 13.80 6.59
N ALA B 81 12.83 14.13 7.80
CA ALA B 81 13.93 15.10 7.95
C ALA B 81 15.22 14.61 7.29
N PHE B 82 15.51 13.31 7.43
CA PHE B 82 16.65 12.68 6.75
C PHE B 82 16.56 12.85 5.24
N VAL B 83 15.36 12.54 4.71
CA VAL B 83 15.07 12.64 3.25
C VAL B 83 15.16 14.09 2.80
N ALA B 84 14.48 14.98 3.55
CA ALA B 84 14.50 16.43 3.33
C ALA B 84 15.92 16.98 3.18
N GLU B 85 16.81 16.59 4.09
CA GLU B 85 18.21 17.01 4.05
CA GLU B 85 18.20 17.03 4.04
C GLU B 85 18.94 16.45 2.83
N TRP B 86 18.70 15.17 2.53
CA TRP B 86 19.41 14.51 1.46
C TRP B 86 18.98 15.10 0.09
N ILE B 87 17.67 15.26 -0.11
CA ILE B 87 17.11 15.78 -1.37
C ILE B 87 17.18 17.31 -1.50
N GLY B 88 17.16 17.98 -0.34
CA GLY B 88 17.28 19.45 -0.27
C GLY B 88 15.94 20.14 -0.32
N VAL B 89 15.02 19.67 0.52
CA VAL B 89 13.70 20.27 0.65
C VAL B 89 13.37 20.34 2.14
N ARG B 90 12.15 20.80 2.45
CA ARG B 90 11.60 20.82 3.82
CA ARG B 90 11.68 20.79 3.84
C ARG B 90 11.01 19.46 4.18
N PRO B 91 11.06 19.03 5.48
CA PRO B 91 10.40 17.76 5.84
C PRO B 91 8.90 17.70 5.47
N GLU B 92 8.20 18.84 5.53
CA GLU B 92 6.77 18.92 5.18
C GLU B 92 6.47 18.60 3.72
N GLU B 93 7.53 18.59 2.89
CA GLU B 93 7.41 18.29 1.48
CA GLU B 93 7.41 18.29 1.48
C GLU B 93 7.67 16.82 1.16
N VAL B 94 7.88 16.02 2.20
CA VAL B 94 8.21 14.61 2.04
C VAL B 94 7.09 13.69 2.53
N LEU B 95 6.70 12.72 1.69
CA LEU B 95 5.75 11.68 2.09
C LEU B 95 6.48 10.36 2.08
N ILE B 96 6.54 9.67 3.23
CA ILE B 96 7.07 8.32 3.23
C ILE B 96 6.02 7.33 2.65
N THR B 97 6.44 6.58 1.64
CA THR B 97 5.59 5.57 0.97
C THR B 97 6.06 4.11 1.15
N THR B 98 5.13 3.18 0.96
CA THR B 98 5.39 1.75 1.06
C THR B 98 6.01 1.25 -0.27
N GLY B 99 7.25 1.72 -0.50
CA GLY B 99 8.02 1.51 -1.73
C GLY B 99 7.59 2.53 -2.77
N SER B 100 8.43 2.81 -3.78
CA SER B 100 8.04 3.81 -4.79
C SER B 100 6.91 3.24 -5.59
N GLN B 101 6.74 1.91 -5.58
CA GLN B 101 5.58 1.35 -6.28
C GLN B 101 4.28 1.99 -5.79
N GLN B 102 4.15 2.19 -4.48
CA GLN B 102 2.99 2.86 -3.91
C GLN B 102 2.84 4.29 -4.46
N ALA B 103 3.97 4.99 -4.60
CA ALA B 103 3.92 6.38 -5.10
C ALA B 103 3.33 6.40 -6.53
N LEU B 104 3.71 5.40 -7.33
CA LEU B 104 3.15 5.29 -8.69
C LEU B 104 1.64 5.12 -8.69
N ASP B 105 1.16 4.25 -7.80
CA ASP B 105 -0.27 3.98 -7.63
C ASP B 105 -0.96 5.27 -7.20
N LEU B 106 -0.37 5.98 -6.24
CA LEU B 106 -0.95 7.24 -5.75
C LEU B 106 -1.00 8.31 -6.86
N VAL B 107 0.09 8.44 -7.61
CA VAL B 107 0.10 9.38 -8.71
C VAL B 107 -0.96 9.03 -9.73
N GLY B 108 -1.12 7.76 -10.07
CA GLY B 108 -2.24 7.44 -11.01
C GLY B 108 -3.60 7.87 -10.47
N LYS B 109 -3.85 7.66 -9.19
CA LYS B 109 -5.13 8.03 -8.54
C LYS B 109 -5.42 9.54 -8.58
N VAL B 110 -4.39 10.33 -8.31
CA VAL B 110 -4.48 11.81 -8.26
C VAL B 110 -4.62 12.42 -9.64
N PHE B 111 -3.91 11.86 -10.63
CA PHE B 111 -3.83 12.49 -11.96
C PHE B 111 -4.59 11.92 -13.16
N LEU B 112 -4.95 10.64 -13.11
CA LEU B 112 -5.49 9.96 -14.29
C LEU B 112 -6.98 9.65 -14.15
N ASP B 113 -7.71 9.81 -15.25
CA ASP B 113 -9.10 9.40 -15.37
C ASP B 113 -9.23 8.45 -16.57
N GLU B 114 -10.37 7.78 -16.69
CA GLU B 114 -10.70 7.10 -17.94
C GLU B 114 -10.52 8.01 -19.16
N GLY B 115 -9.63 7.56 -20.05
CA GLY B 115 -9.32 8.27 -21.28
C GLY B 115 -8.33 9.42 -21.20
N SER B 116 -7.75 9.64 -20.03
N SER B 116 -7.77 9.65 -20.01
CA SER B 116 -6.78 10.71 -19.81
CA SER B 116 -6.74 10.69 -19.78
C SER B 116 -5.43 10.31 -20.43
C SER B 116 -5.45 10.29 -20.47
N PRO B 117 -4.82 11.22 -21.22
CA PRO B 117 -3.51 10.92 -21.83
C PRO B 117 -2.46 10.95 -20.72
N VAL B 118 -1.53 10.03 -20.81
CA VAL B 118 -0.36 10.04 -19.94
C VAL B 118 0.82 9.72 -20.82
N LEU B 119 1.99 10.31 -20.53
CA LEU B 119 3.15 10.13 -21.40
C LEU B 119 4.25 9.38 -20.70
N LEU B 120 4.76 8.34 -21.36
CA LEU B 120 5.95 7.68 -20.87
C LEU B 120 6.75 7.18 -22.06
N GLU B 121 7.90 6.60 -21.78
CA GLU B 121 8.73 6.09 -22.87
C GLU B 121 8.23 4.71 -23.23
N ALA B 122 8.62 4.27 -24.43
CA ALA B 122 8.48 2.89 -24.86
C ALA B 122 9.89 2.39 -25.16
N PRO B 123 10.38 1.38 -24.37
CA PRO B 123 9.80 0.77 -23.18
C PRO B 123 9.96 1.66 -21.95
N SER B 124 9.21 1.32 -20.90
CA SER B 124 9.38 1.90 -19.57
C SER B 124 9.12 0.85 -18.46
N TYR B 125 9.10 1.32 -17.22
CA TYR B 125 8.98 0.37 -16.09
C TYR B 125 7.54 -0.21 -16.09
N MET B 126 7.43 -1.53 -16.24
CA MET B 126 6.13 -2.19 -16.30
C MET B 126 5.26 -1.99 -15.06
N GLY B 127 5.87 -1.87 -13.87
CA GLY B 127 5.10 -1.56 -12.67
C GLY B 127 4.37 -0.22 -12.75
N ALA B 128 4.97 0.78 -13.43
CA ALA B 128 4.32 2.09 -13.60
C ALA B 128 3.15 1.93 -14.56
N ILE B 129 3.40 1.16 -15.61
CA ILE B 129 2.34 0.90 -16.59
C ILE B 129 1.15 0.20 -15.91
N GLN B 130 1.44 -0.82 -15.10
CA GLN B 130 0.43 -1.58 -14.38
C GLN B 130 -0.41 -0.68 -13.45
N ALA B 131 0.29 0.15 -12.68
CA ALA B 131 -0.34 1.04 -11.69
C ALA B 131 -1.25 2.03 -12.43
N PHE B 132 -0.71 2.64 -13.48
CA PHE B 132 -1.47 3.63 -14.24
C PHE B 132 -2.64 3.03 -15.00
N ARG B 133 -2.47 1.81 -15.53
CA ARG B 133 -3.50 1.21 -16.37
CA ARG B 133 -3.46 1.10 -16.34
C ARG B 133 -4.83 1.01 -15.64
N LEU B 134 -4.77 0.84 -14.34
CA LEU B 134 -5.99 0.76 -13.55
C LEU B 134 -7.00 1.88 -13.77
N GLN B 135 -6.50 3.10 -14.05
CA GLN B 135 -7.35 4.27 -14.17
C GLN B 135 -7.96 4.37 -15.56
N GLY B 136 -7.53 3.48 -16.45
CA GLY B 136 -7.99 3.48 -17.85
C GLY B 136 -7.46 4.62 -18.72
N PRO B 137 -6.17 5.00 -18.58
CA PRO B 137 -5.68 6.12 -19.36
C PRO B 137 -5.40 5.77 -20.81
N ARG B 138 -5.11 6.78 -21.62
CA ARG B 138 -4.60 6.58 -22.96
C ARG B 138 -3.11 6.79 -22.86
N PHE B 139 -2.36 5.73 -23.12
CA PHE B 139 -0.89 5.82 -23.06
C PHE B 139 -0.34 6.46 -24.35
N LEU B 140 0.48 7.48 -24.17
CA LEU B 140 1.25 8.09 -25.27
C LEU B 140 2.71 7.76 -25.02
N THR B 141 3.46 7.30 -26.02
CA THR B 141 4.86 6.93 -25.73
C THR B 141 5.80 7.63 -26.71
N VAL B 142 7.06 7.78 -26.30
CA VAL B 142 8.12 8.19 -27.19
C VAL B 142 9.21 7.17 -27.01
N PRO B 143 9.99 6.90 -28.07
CA PRO B 143 11.08 5.94 -27.82
C PRO B 143 12.07 6.32 -26.73
N ALA B 144 12.53 5.32 -25.98
CA ALA B 144 13.66 5.42 -25.04
C ALA B 144 14.92 5.01 -25.80
N GLY B 145 15.86 5.93 -25.94
CA GLY B 145 17.06 5.71 -26.76
C GLY B 145 18.28 5.83 -25.89
N GLU B 146 19.48 5.96 -26.48
CA GLU B 146 20.68 6.01 -25.67
CA GLU B 146 20.67 5.99 -25.65
C GLU B 146 20.85 7.32 -24.92
N GLU B 147 20.20 8.37 -25.40
CA GLU B 147 20.24 9.63 -24.69
C GLU B 147 18.99 9.81 -23.83
N GLY B 148 18.30 8.71 -23.52
CA GLY B 148 17.01 8.78 -22.84
C GLY B 148 15.85 9.02 -23.82
N PRO B 149 14.81 9.77 -23.39
CA PRO B 149 13.63 9.93 -24.28
C PRO B 149 13.92 10.68 -25.57
N ASP B 150 13.27 10.28 -26.64
CA ASP B 150 13.39 10.96 -27.91
C ASP B 150 12.66 12.31 -27.83
N LEU B 151 13.44 13.38 -27.68
CA LEU B 151 12.83 14.71 -27.46
C LEU B 151 12.20 15.33 -28.70
N ASP B 152 12.71 14.99 -29.89
CA ASP B 152 12.03 15.42 -31.10
C ASP B 152 10.64 14.79 -31.17
N ALA B 153 10.58 13.50 -30.84
CA ALA B 153 9.33 12.77 -30.79
C ALA B 153 8.40 13.36 -29.73
N LEU B 154 8.94 13.67 -28.55
CA LEU B 154 8.15 14.32 -27.50
C LEU B 154 7.58 15.69 -27.96
N GLU B 155 8.46 16.52 -28.53
CA GLU B 155 8.10 17.81 -29.09
C GLU B 155 6.90 17.63 -30.03
N GLU B 156 6.93 16.60 -30.88
CA GLU B 156 5.75 16.35 -31.78
C GLU B 156 4.47 15.98 -31.02
N VAL B 157 4.60 15.11 -30.02
CA VAL B 157 3.45 14.69 -29.23
C VAL B 157 2.80 15.90 -28.53
N LEU B 158 3.64 16.76 -27.96
CA LEU B 158 3.18 17.95 -27.19
C LEU B 158 2.48 19.01 -28.03
N LYS B 159 2.69 19.00 -29.34
CA LYS B 159 1.95 19.86 -30.26
C LYS B 159 0.50 19.43 -30.42
N ARG B 160 0.18 18.19 -30.05
CA ARG B 160 -1.11 17.59 -30.37
CA ARG B 160 -1.13 17.59 -30.36
C ARG B 160 -1.85 17.08 -29.14
N GLU B 161 -1.10 16.83 -28.06
CA GLU B 161 -1.63 16.17 -26.87
C GLU B 161 -1.17 16.89 -25.63
N ARG B 162 -1.99 16.87 -24.59
CA ARG B 162 -1.62 17.45 -23.31
C ARG B 162 -1.62 16.35 -22.23
N PRO B 163 -0.46 15.66 -22.02
CA PRO B 163 -0.44 14.57 -21.04
C PRO B 163 -0.72 15.06 -19.59
N ARG B 164 -1.44 14.27 -18.83
CA ARG B 164 -1.66 14.57 -17.41
C ARG B 164 -0.35 14.67 -16.63
N PHE B 165 0.61 13.84 -17.03
CA PHE B 165 2.01 13.99 -16.60
C PHE B 165 2.90 13.22 -17.56
N LEU B 166 4.22 13.43 -17.41
CA LEU B 166 5.23 12.70 -18.17
C LEU B 166 5.96 11.86 -17.15
N TYR B 167 5.93 10.54 -17.29
CA TYR B 167 6.61 9.66 -16.34
C TYR B 167 7.99 9.35 -16.89
N LEU B 168 9.07 9.67 -16.16
CA LEU B 168 10.39 9.50 -16.71
C LEU B 168 11.30 8.87 -15.65
N ILE B 169 12.33 8.18 -16.13
CA ILE B 169 13.38 7.59 -15.27
C ILE B 169 14.70 8.00 -15.89
N PRO B 170 15.09 9.27 -15.70
CA PRO B 170 16.27 9.78 -16.42
C PRO B 170 17.60 9.12 -16.06
N SER B 171 17.71 8.55 -14.86
CA SER B 171 18.99 8.07 -14.37
C SER B 171 19.01 6.53 -14.33
N PHE B 172 19.51 5.95 -15.42
CA PHE B 172 19.57 4.50 -15.64
C PHE B 172 18.20 3.85 -15.75
N GLN B 173 17.46 4.25 -16.79
CA GLN B 173 16.11 3.83 -16.91
C GLN B 173 15.85 2.32 -16.80
N ASN B 174 14.73 1.99 -16.19
CA ASN B 174 14.18 0.64 -16.28
C ASN B 174 13.25 0.60 -17.51
N PRO B 175 13.54 -0.25 -18.53
CA PRO B 175 14.50 -1.34 -18.63
C PRO B 175 15.74 -1.12 -19.50
N THR B 176 15.85 0.04 -20.15
CA THR B 176 16.94 0.22 -21.14
C THR B 176 18.30 0.51 -20.50
N GLY B 177 18.33 0.94 -19.24
CA GLY B 177 19.55 1.43 -18.60
C GLY B 177 19.98 2.84 -19.02
N GLY B 178 19.21 3.51 -19.89
CA GLY B 178 19.65 4.77 -20.44
C GLY B 178 19.80 5.88 -19.43
N LEU B 179 20.82 6.70 -19.67
CA LEU B 179 21.12 7.89 -18.89
C LEU B 179 20.84 9.13 -19.75
N THR B 180 19.81 9.89 -19.36
CA THR B 180 19.46 11.14 -20.06
C THR B 180 20.56 12.16 -19.70
N PRO B 181 21.30 12.68 -20.72
CA PRO B 181 22.43 13.61 -20.43
C PRO B 181 21.97 14.98 -19.96
N LEU B 182 22.87 15.77 -19.36
CA LEU B 182 22.48 17.08 -18.82
C LEU B 182 21.80 18.02 -19.82
N PRO B 183 22.38 18.21 -21.04
CA PRO B 183 21.71 19.10 -22.01
C PRO B 183 20.29 18.65 -22.29
N ALA B 184 20.09 17.34 -22.40
CA ALA B 184 18.77 16.77 -22.63
C ALA B 184 17.82 17.03 -21.46
N ARG B 185 18.31 16.87 -20.23
CA ARG B 185 17.52 17.23 -19.04
C ARG B 185 17.10 18.68 -19.06
N LYS B 186 18.00 19.55 -19.47
CA LYS B 186 17.71 20.98 -19.49
C LYS B 186 16.66 21.26 -20.57
N ARG B 187 16.77 20.58 -21.70
CA ARG B 187 15.83 20.77 -22.82
C ARG B 187 14.42 20.33 -22.41
N LEU B 188 14.33 19.15 -21.83
CA LEU B 188 13.08 18.61 -21.34
C LEU B 188 12.43 19.56 -20.34
N LEU B 189 13.23 20.07 -19.40
CA LEU B 189 12.72 21.05 -18.42
C LEU B 189 12.13 22.27 -19.11
N GLN B 190 12.83 22.84 -20.08
CA GLN B 190 12.27 23.98 -20.83
C GLN B 190 10.95 23.60 -21.50
N MET B 191 10.92 22.40 -22.07
CA MET B 191 9.73 21.90 -22.78
C MET B 191 8.55 21.82 -21.80
N VAL B 192 8.81 21.30 -20.61
CA VAL B 192 7.79 21.14 -19.60
C VAL B 192 7.35 22.50 -19.05
N MET B 193 8.32 23.35 -18.72
CA MET B 193 8.00 24.66 -18.16
C MET B 193 7.16 25.52 -19.11
N GLU B 194 7.50 25.54 -20.40
CA GLU B 194 6.78 26.38 -21.34
CA GLU B 194 6.78 26.34 -21.39
C GLU B 194 5.30 26.00 -21.44
N ARG B 195 5.00 24.73 -21.27
CA ARG B 195 3.63 24.21 -21.38
C ARG B 195 2.92 23.99 -20.04
N GLY B 196 3.64 24.18 -18.93
CA GLY B 196 3.04 24.06 -17.59
C GLY B 196 2.68 22.62 -17.27
N LEU B 197 3.52 21.67 -17.71
CA LEU B 197 3.27 20.25 -17.52
C LEU B 197 3.88 19.63 -16.26
N VAL B 198 3.26 18.54 -15.78
CA VAL B 198 3.77 17.82 -14.60
C VAL B 198 4.68 16.72 -15.06
N VAL B 199 5.77 16.49 -14.31
CA VAL B 199 6.66 15.39 -14.57
C VAL B 199 6.71 14.56 -13.29
N VAL B 200 6.56 13.24 -13.44
CA VAL B 200 6.85 12.31 -12.36
C VAL B 200 8.20 11.70 -12.66
N GLU B 201 9.18 12.03 -11.81
CA GLU B 201 10.55 11.62 -12.05
C GLU B 201 10.86 10.52 -11.05
N ASP B 202 11.13 9.34 -11.58
CA ASP B 202 11.36 8.15 -10.80
C ASP B 202 12.86 7.94 -10.70
N ASP B 203 13.38 8.12 -9.49
CA ASP B 203 14.83 8.13 -9.26
C ASP B 203 15.34 6.89 -8.51
N ALA B 204 14.72 5.72 -8.79
CA ALA B 204 15.03 4.48 -8.08
C ALA B 204 16.51 4.18 -8.13
N TYR B 205 17.12 4.45 -9.29
CA TYR B 205 18.51 4.02 -9.55
C TYR B 205 19.53 5.16 -9.43
N ARG B 206 19.10 6.29 -8.86
CA ARG B 206 19.87 7.55 -8.69
C ARG B 206 21.33 7.34 -8.27
N GLU B 207 21.46 6.59 -7.19
CA GLU B 207 22.75 6.47 -6.52
C GLU B 207 23.65 5.40 -7.16
N LEU B 208 23.12 4.69 -8.15
CA LEU B 208 23.82 3.54 -8.70
C LEU B 208 24.64 3.91 -9.94
N TYR B 209 25.22 5.11 -9.93
CA TYR B 209 26.05 5.58 -11.08
C TYR B 209 27.44 4.97 -11.06
N PHE B 210 27.97 4.62 -12.24
CA PHE B 210 29.26 3.94 -12.34
C PHE B 210 30.41 4.92 -12.58
N GLY B 211 30.09 6.05 -13.19
CA GLY B 211 31.03 7.16 -13.41
C GLY B 211 31.39 8.00 -12.19
N GLU B 212 32.17 9.04 -12.41
CA GLU B 212 32.64 9.86 -11.29
C GLU B 212 31.55 10.60 -10.50
N ALA B 213 30.51 11.05 -11.19
CA ALA B 213 29.47 11.82 -10.53
C ALA B 213 28.09 11.55 -11.09
N ARG B 214 27.07 11.87 -10.29
CA ARG B 214 25.71 11.74 -10.79
C ARG B 214 25.30 13.06 -11.43
N LEU B 215 24.36 12.97 -12.36
CA LEU B 215 23.79 14.14 -12.97
C LEU B 215 22.72 14.75 -12.06
N PRO B 216 22.53 16.08 -12.17
CA PRO B 216 21.42 16.76 -11.49
C PRO B 216 20.07 16.14 -11.91
N SER B 217 19.15 15.99 -10.97
CA SER B 217 17.83 15.41 -11.28
C SER B 217 16.99 16.49 -11.96
N LEU B 218 15.95 16.06 -12.66
CA LEU B 218 14.98 17.00 -13.18
C LEU B 218 14.41 17.83 -12.03
N PHE B 219 14.12 17.17 -10.91
CA PHE B 219 13.68 17.86 -9.69
C PHE B 219 14.65 18.97 -9.31
N GLU B 220 15.95 18.66 -9.23
CA GLU B 220 16.97 19.65 -8.88
C GLU B 220 17.02 20.85 -9.83
N LEU B 221 16.95 20.56 -11.14
CA LEU B 221 16.94 21.59 -12.17
C LEU B 221 15.66 22.45 -12.08
N ALA B 222 14.52 21.80 -11.85
CA ALA B 222 13.25 22.54 -11.69
C ALA B 222 13.31 23.46 -10.45
N ARG B 223 13.83 22.91 -9.34
CA ARG B 223 13.94 23.67 -8.10
C ARG B 223 14.83 24.91 -8.32
N GLU B 224 15.94 24.75 -9.04
CA GLU B 224 16.83 25.87 -9.38
C GLU B 224 16.05 26.95 -10.15
N ALA B 225 15.21 26.51 -11.07
CA ALA B 225 14.40 27.39 -11.93
C ALA B 225 13.18 27.99 -11.23
N GLY B 226 12.85 27.48 -10.05
CA GLY B 226 11.61 27.85 -9.37
C GLY B 226 10.34 27.24 -9.95
N TYR B 227 10.46 26.12 -10.70
CA TYR B 227 9.31 25.43 -11.28
C TYR B 227 8.76 24.38 -10.32
N PRO B 228 7.46 24.46 -9.98
CA PRO B 228 6.91 23.52 -8.99
C PRO B 228 6.34 22.19 -9.53
N GLY B 229 6.55 21.88 -10.81
CA GLY B 229 5.83 20.74 -11.39
C GLY B 229 6.50 19.40 -11.50
N VAL B 230 7.60 19.17 -10.78
CA VAL B 230 8.20 17.86 -10.77
C VAL B 230 7.86 17.16 -9.46
N ILE B 231 7.20 16.02 -9.59
CA ILE B 231 6.98 15.11 -8.46
C ILE B 231 8.14 14.10 -8.45
N TYR B 232 8.91 14.11 -7.38
CA TYR B 232 10.13 13.32 -7.30
C TYR B 232 9.95 12.08 -6.42
N LEU B 233 10.28 10.93 -7.01
CA LEU B 233 10.16 9.63 -6.35
C LEU B 233 11.53 9.04 -6.10
N GLY B 234 11.80 8.66 -4.85
CA GLY B 234 13.05 8.00 -4.53
C GLY B 234 12.73 6.80 -3.64
N SER B 235 13.69 5.89 -3.50
CA SER B 235 13.42 4.66 -2.73
C SER B 235 14.69 4.19 -2.02
N PHE B 236 14.50 3.47 -0.92
CA PHE B 236 15.65 2.84 -0.23
C PHE B 236 15.85 1.38 -0.73
N SER B 237 15.04 0.99 -1.71
CA SER B 237 15.01 -0.39 -2.23
C SER B 237 16.33 -0.79 -2.90
N LYS B 238 16.86 0.05 -3.78
CA LYS B 238 18.04 -0.33 -4.57
C LYS B 238 19.35 -0.05 -3.84
N VAL B 239 19.26 0.66 -2.70
CA VAL B 239 20.46 1.06 -1.94
C VAL B 239 20.60 0.41 -0.55
N LEU B 240 19.50 -0.17 -0.06
CA LEU B 240 19.51 -0.79 1.27
C LEU B 240 18.71 -2.09 1.30
N SER B 241 17.38 -2.00 1.13
CA SER B 241 16.52 -3.18 1.28
C SER B 241 15.22 -3.00 0.53
N PRO B 242 15.03 -3.80 -0.52
CA PRO B 242 13.73 -3.79 -1.16
C PRO B 242 12.66 -4.35 -0.24
N GLY B 243 12.98 -5.39 0.57
CA GLY B 243 11.97 -6.07 1.37
C GLY B 243 11.36 -5.20 2.45
N LEU B 244 12.02 -4.10 2.82
CA LEU B 244 11.52 -3.25 3.91
C LEU B 244 10.34 -2.40 3.45
N ARG B 245 10.27 -2.22 2.13
CA ARG B 245 9.25 -1.36 1.43
C ARG B 245 9.20 0.07 1.98
N VAL B 246 10.29 0.82 1.81
CA VAL B 246 10.38 2.18 2.38
C VAL B 246 10.94 3.09 1.30
N ALA B 247 10.14 4.07 0.91
CA ALA B 247 10.46 5.01 -0.14
C ALA B 247 9.83 6.37 0.17
N PHE B 248 9.87 7.30 -0.80
CA PHE B 248 9.36 8.64 -0.54
C PHE B 248 8.94 9.33 -1.81
N ALA B 249 7.94 10.20 -1.68
CA ALA B 249 7.61 11.19 -2.71
C ALA B 249 7.84 12.59 -2.18
N VAL B 250 8.33 13.47 -3.05
CA VAL B 250 8.59 14.89 -2.73
C VAL B 250 7.84 15.72 -3.78
N ALA B 251 7.01 16.64 -3.33
CA ALA B 251 6.14 17.39 -4.28
C ALA B 251 5.68 18.70 -3.70
N HIS B 252 5.24 19.60 -4.59
CA HIS B 252 4.60 20.83 -4.19
C HIS B 252 3.51 20.51 -3.16
N PRO B 253 3.33 21.35 -2.13
CA PRO B 253 2.27 21.14 -1.12
C PRO B 253 0.88 20.73 -1.62
N GLU B 254 0.39 21.33 -2.71
CA GLU B 254 -0.95 20.96 -3.15
C GLU B 254 -0.98 19.50 -3.67
N ALA B 255 0.00 19.14 -4.49
CA ALA B 255 0.10 17.78 -5.00
C ALA B 255 0.35 16.81 -3.83
N LEU B 256 1.28 17.18 -2.96
CA LEU B 256 1.60 16.34 -1.80
C LEU B 256 0.37 16.04 -0.94
N GLN B 257 -0.45 17.04 -0.67
CA GLN B 257 -1.70 16.82 0.10
C GLN B 257 -2.57 15.71 -0.49
N LYS B 258 -2.77 15.74 -1.82
CA LYS B 258 -3.56 14.71 -2.49
C LYS B 258 -2.94 13.34 -2.39
N LEU B 259 -1.61 13.25 -2.53
CA LEU B 259 -0.87 11.98 -2.35
C LEU B 259 -1.01 11.42 -0.91
N VAL B 260 -0.90 12.31 0.07
CA VAL B 260 -1.12 11.96 1.47
C VAL B 260 -2.54 11.39 1.67
N GLN B 261 -3.55 12.11 1.21
CA GLN B 261 -4.94 11.69 1.41
C GLN B 261 -5.28 10.39 0.68
N ALA B 262 -4.71 10.21 -0.50
CA ALA B 262 -4.85 8.95 -1.23
C ALA B 262 -4.18 7.80 -0.46
N LYS B 263 -3.04 8.09 0.17
CA LYS B 263 -2.29 7.05 0.90
C LYS B 263 -3.10 6.63 2.15
N GLN B 264 -3.73 7.58 2.81
CA GLN B 264 -4.63 7.20 3.89
C GLN B 264 -5.59 6.05 3.53
N GLY B 265 -6.25 6.14 2.37
CA GLY B 265 -7.14 5.09 1.90
C GLY B 265 -6.45 3.82 1.37
N ALA B 266 -5.16 3.97 0.98
CA ALA B 266 -4.38 2.85 0.45
C ALA B 266 -3.85 1.88 1.51
N ASP B 267 -3.27 2.39 2.60
CA ASP B 267 -2.74 1.51 3.68
C ASP B 267 -2.65 2.15 5.06
N LEU B 268 -3.30 3.30 5.23
CA LEU B 268 -3.15 4.17 6.43
C LEU B 268 -1.78 4.81 6.51
N HIS B 269 -0.77 4.00 6.81
CA HIS B 269 0.61 4.48 6.84
C HIS B 269 1.57 3.32 6.56
N THR B 270 2.78 3.69 6.16
CA THR B 270 3.91 2.73 6.00
C THR B 270 4.31 2.28 7.41
N PRO B 271 4.62 0.98 7.60
CA PRO B 271 4.93 0.49 8.95
C PRO B 271 6.06 1.29 9.58
N MET B 272 5.93 1.56 10.90
CA MET B 272 6.84 2.46 11.58
C MET B 272 8.16 1.79 11.85
N LEU B 273 8.12 0.50 12.15
CA LEU B 273 9.38 -0.24 12.44
C LEU B 273 10.33 -0.10 11.24
N ASN B 274 9.80 -0.18 10.03
CA ASN B 274 10.60 -0.22 8.81
C ASN B 274 11.22 1.15 8.55
N GLN B 275 10.41 2.19 8.80
CA GLN B 275 10.87 3.56 8.66
C GLN B 275 12.00 3.85 9.64
N MET B 276 11.73 3.57 10.91
CA MET B 276 12.75 3.70 12.01
C MET B 276 14.03 2.91 11.73
N LEU B 277 13.89 1.69 11.24
CA LEU B 277 15.04 0.87 10.88
C LEU B 277 15.86 1.46 9.74
N VAL B 278 15.16 1.97 8.73
CA VAL B 278 15.90 2.64 7.68
C VAL B 278 16.67 3.86 8.22
N HIS B 279 16.08 4.62 9.11
CA HIS B 279 16.70 5.84 9.54
C HIS B 279 17.88 5.45 10.42
N GLU B 280 17.67 4.47 11.27
CA GLU B 280 18.77 4.04 12.15
C GLU B 280 19.98 3.51 11.39
N LEU B 281 19.74 2.78 10.30
CA LEU B 281 20.82 2.26 9.49
C LEU B 281 21.57 3.36 8.70
N LEU B 282 20.85 4.37 8.22
CA LEU B 282 21.47 5.36 7.34
C LEU B 282 21.87 6.69 7.95
N LYS B 283 21.46 6.95 9.20
CA LYS B 283 21.75 8.25 9.83
C LYS B 283 23.25 8.53 9.96
N GLU B 284 24.03 7.46 10.06
CA GLU B 284 25.49 7.56 9.99
C GLU B 284 26.02 6.62 8.91
N GLY B 285 26.94 7.13 8.07
CA GLY B 285 27.68 6.27 7.15
C GLY B 285 26.98 5.99 5.81
N PHE B 286 26.00 6.81 5.47
CA PHE B 286 25.23 6.62 4.24
C PHE B 286 26.11 6.80 2.98
N SER B 287 26.92 7.87 2.96
CA SER B 287 27.81 8.14 1.82
C SER B 287 28.73 6.95 1.52
N GLU B 288 29.33 6.39 2.58
CA GLU B 288 30.20 5.23 2.46
C GLU B 288 29.49 3.97 1.97
N ARG B 289 28.27 3.74 2.45
CA ARG B 289 27.45 2.64 1.95
CA ARG B 289 27.47 2.64 1.95
C ARG B 289 27.22 2.79 0.45
N LEU B 290 26.87 4.01 0.04
CA LEU B 290 26.56 4.24 -1.37
C LEU B 290 27.78 4.02 -2.25
N GLU B 291 28.95 4.41 -1.73
CA GLU B 291 30.21 4.17 -2.43
C GLU B 291 30.39 2.67 -2.71
N ARG B 292 30.09 1.84 -1.71
CA ARG B 292 30.19 0.39 -1.84
C ARG B 292 29.15 -0.20 -2.78
N VAL B 293 27.90 0.26 -2.71
CA VAL B 293 26.89 -0.25 -3.67
C VAL B 293 27.26 0.09 -5.12
N ARG B 294 27.76 1.31 -5.35
CA ARG B 294 28.25 1.67 -6.69
C ARG B 294 29.31 0.72 -7.16
N ARG B 295 30.25 0.41 -6.27
CA ARG B 295 31.32 -0.52 -6.57
C ARG B 295 30.82 -1.91 -6.96
N VAL B 296 29.90 -2.46 -6.16
CA VAL B 296 29.38 -3.80 -6.37
C VAL B 296 28.69 -3.91 -7.72
N TYR B 297 27.82 -2.96 -8.01
CA TYR B 297 27.10 -3.02 -9.28
C TYR B 297 27.98 -2.72 -10.48
N ARG B 298 28.91 -1.78 -10.34
CA ARG B 298 29.88 -1.47 -11.41
C ARG B 298 30.60 -2.76 -11.82
N GLU B 299 31.09 -3.50 -10.82
CA GLU B 299 31.77 -4.79 -11.07
C GLU B 299 30.90 -5.80 -11.79
N LYS B 300 29.63 -5.88 -11.38
CA LYS B 300 28.68 -6.84 -11.93
C LYS B 300 28.39 -6.46 -13.38
N ALA B 301 28.22 -5.16 -13.63
CA ALA B 301 28.04 -4.62 -14.97
C ALA B 301 29.19 -5.00 -15.92
N GLN B 302 30.42 -4.88 -15.43
CA GLN B 302 31.63 -5.20 -16.22
C GLN B 302 31.66 -6.69 -16.59
N ALA B 303 31.27 -7.54 -15.65
CA ALA B 303 31.27 -8.98 -15.84
C ALA B 303 30.24 -9.35 -16.88
N MET B 304 29.10 -8.68 -16.79
CA MET B 304 27.96 -8.89 -17.65
C MET B 304 28.30 -8.54 -19.10
N LEU B 305 28.85 -7.35 -19.32
CA LEU B 305 29.31 -6.95 -20.66
C LEU B 305 30.42 -7.82 -21.19
N HIS B 306 31.37 -8.20 -20.34
CA HIS B 306 32.45 -9.08 -20.76
C HIS B 306 31.90 -10.41 -21.26
N ALA B 307 30.90 -10.95 -20.55
CA ALA B 307 30.29 -12.22 -20.93
C ALA B 307 29.44 -12.09 -22.19
N LEU B 308 28.65 -11.02 -22.30
CA LEU B 308 27.83 -10.82 -23.49
C LEU B 308 28.70 -10.63 -24.77
N ASP B 309 29.76 -9.84 -24.65
CA ASP B 309 30.69 -9.59 -25.76
C ASP B 309 31.32 -10.89 -26.25
N ARG B 310 31.58 -11.79 -25.31
CA ARG B 310 32.06 -13.14 -25.60
C ARG B 310 31.01 -14.07 -26.21
N GLU B 311 29.84 -14.14 -25.59
CA GLU B 311 28.91 -15.26 -25.83
C GLU B 311 27.81 -15.00 -26.85
N VAL B 312 27.55 -13.72 -27.10
CA VAL B 312 26.38 -13.32 -27.90
C VAL B 312 26.81 -12.94 -29.34
N PRO B 313 26.17 -13.57 -30.34
CA PRO B 313 26.35 -13.25 -31.76
C PRO B 313 26.12 -11.77 -32.05
N LYS B 314 26.95 -11.19 -32.93
CA LYS B 314 26.92 -9.73 -33.12
C LYS B 314 25.66 -9.22 -33.83
N GLU B 315 24.85 -10.12 -34.38
CA GLU B 315 23.56 -9.69 -34.94
C GLU B 315 22.56 -9.34 -33.83
N VAL B 316 22.91 -9.66 -32.59
CA VAL B 316 22.11 -9.29 -31.43
C VAL B 316 22.73 -8.04 -30.79
N ARG B 317 21.89 -7.07 -30.47
CA ARG B 317 22.34 -5.78 -29.98
C ARG B 317 21.89 -5.66 -28.54
N TYR B 318 22.71 -5.02 -27.72
CA TYR B 318 22.32 -4.76 -26.33
C TYR B 318 22.97 -3.48 -25.84
N THR B 319 22.32 -2.85 -24.86
CA THR B 319 22.76 -1.60 -24.27
C THR B 319 23.96 -1.84 -23.38
N ARG B 320 24.74 -0.80 -23.14
CA ARG B 320 25.91 -0.87 -22.26
C ARG B 320 25.71 0.14 -21.13
N PRO B 321 25.42 -0.35 -19.90
CA PRO B 321 24.94 0.56 -18.85
C PRO B 321 26.04 1.47 -18.27
N LYS B 322 25.67 2.64 -17.79
CA LYS B 322 26.60 3.55 -17.13
C LYS B 322 26.23 3.66 -15.65
N GLY B 323 25.29 2.80 -15.26
CA GLY B 323 24.72 2.81 -13.92
C GLY B 323 23.55 1.86 -13.87
N GLY B 324 22.92 1.80 -12.71
CA GLY B 324 21.78 0.88 -12.50
C GLY B 324 22.04 -0.60 -12.57
N MET B 325 20.98 -1.34 -12.95
CA MET B 325 20.90 -2.78 -12.79
C MET B 325 20.72 -3.63 -14.05
N PHE B 326 20.47 -2.97 -15.18
CA PHE B 326 19.97 -3.65 -16.37
C PHE B 326 20.77 -3.48 -17.64
N VAL B 327 20.76 -4.54 -18.46
CA VAL B 327 21.11 -4.51 -19.88
C VAL B 327 19.83 -4.81 -20.65
N TRP B 328 19.61 -4.05 -21.72
CA TRP B 328 18.45 -4.23 -22.56
C TRP B 328 18.92 -4.77 -23.92
N MET B 329 18.32 -5.88 -24.32
CA MET B 329 18.66 -6.66 -25.53
C MET B 329 17.55 -6.66 -26.60
N GLU B 330 17.98 -6.56 -27.85
CA GLU B 330 17.07 -6.55 -28.99
C GLU B 330 17.50 -7.67 -29.95
N LEU B 331 16.59 -8.59 -30.17
CA LEU B 331 16.82 -9.70 -31.08
C LEU B 331 16.48 -9.32 -32.52
N PRO B 332 17.26 -9.84 -33.48
CA PRO B 332 17.03 -9.61 -34.91
C PRO B 332 15.88 -10.42 -35.50
N LYS B 333 15.66 -10.25 -36.80
CA LYS B 333 14.84 -11.19 -37.59
C LYS B 333 13.55 -11.63 -36.91
N GLY B 334 12.96 -10.69 -36.18
CA GLY B 334 11.72 -10.91 -35.44
C GLY B 334 11.69 -12.10 -34.49
N LEU B 335 12.87 -12.58 -34.08
CA LEU B 335 12.97 -13.62 -33.04
C LEU B 335 12.16 -13.18 -31.83
N SER B 336 11.39 -14.12 -31.27
CA SER B 336 10.56 -13.87 -30.11
C SER B 336 11.39 -14.01 -28.81
N ALA B 337 11.33 -12.99 -27.94
CA ALA B 337 11.90 -13.10 -26.57
C ALA B 337 11.19 -14.18 -25.74
N GLU B 338 9.90 -14.38 -25.99
CA GLU B 338 9.16 -15.46 -25.30
C GLU B 338 9.67 -16.85 -25.69
N GLY B 339 10.01 -17.04 -26.96
CA GLY B 339 10.62 -18.31 -27.41
C GLY B 339 11.99 -18.50 -26.74
N LEU B 340 12.79 -17.45 -26.76
CA LEU B 340 14.09 -17.50 -26.12
C LEU B 340 13.97 -17.82 -24.63
N PHE B 341 12.96 -17.21 -23.99
CA PHE B 341 12.73 -17.41 -22.56
C PHE B 341 12.47 -18.89 -22.23
N ARG B 342 11.65 -19.55 -23.04
CA ARG B 342 11.36 -20.97 -22.86
CA ARG B 342 11.37 -20.97 -22.80
C ARG B 342 12.62 -21.84 -22.96
N ARG B 343 13.45 -21.56 -23.97
CA ARG B 343 14.72 -22.28 -24.12
CA ARG B 343 14.71 -22.28 -24.12
C ARG B 343 15.64 -22.04 -22.93
N ALA B 344 15.81 -20.76 -22.58
CA ALA B 344 16.69 -20.36 -21.49
C ALA B 344 16.24 -20.98 -20.16
N LEU B 345 14.92 -21.01 -19.96
CA LEU B 345 14.34 -21.53 -18.72
C LEU B 345 14.68 -23.03 -18.56
N GLU B 346 14.68 -23.75 -19.67
CA GLU B 346 15.05 -25.17 -19.67
C GLU B 346 16.50 -25.37 -19.25
N GLU B 347 17.32 -24.34 -19.42
CA GLU B 347 18.71 -24.41 -18.95
C GLU B 347 18.93 -23.64 -17.63
N ASN B 348 17.84 -23.43 -16.88
CA ASN B 348 17.87 -22.77 -15.59
C ASN B 348 18.34 -21.33 -15.62
N VAL B 349 18.01 -20.64 -16.71
CA VAL B 349 18.35 -19.23 -16.83
C VAL B 349 17.06 -18.47 -17.04
N ALA B 350 16.85 -17.44 -16.21
CA ALA B 350 15.64 -16.61 -16.31
C ALA B 350 15.95 -15.15 -16.67
N PHE B 351 15.14 -14.57 -17.55
CA PHE B 351 15.18 -13.13 -17.75
C PHE B 351 13.73 -12.63 -17.94
N VAL B 352 13.53 -11.32 -18.12
CA VAL B 352 12.17 -10.75 -18.30
C VAL B 352 11.97 -10.42 -19.78
N PRO B 353 11.11 -11.20 -20.49
CA PRO B 353 10.78 -10.79 -21.86
C PRO B 353 10.30 -9.34 -21.94
N GLY B 354 10.62 -8.64 -23.03
CA GLY B 354 10.51 -7.17 -23.05
C GLY B 354 9.13 -6.62 -23.37
N GLY B 355 8.28 -7.46 -23.94
CA GLY B 355 6.92 -7.03 -24.31
C GLY B 355 6.11 -6.16 -23.32
N PRO B 356 5.91 -6.62 -22.06
CA PRO B 356 5.12 -5.87 -21.04
C PRO B 356 5.70 -4.53 -20.61
N PHE B 357 6.89 -4.20 -21.09
CA PHE B 357 7.49 -2.90 -20.83
C PHE B 357 6.97 -1.89 -21.86
N PHE B 358 6.19 -2.35 -22.84
CA PHE B 358 5.67 -1.48 -23.91
C PHE B 358 4.19 -1.26 -23.68
N ALA B 359 3.83 -0.04 -23.31
CA ALA B 359 2.51 0.23 -22.77
C ALA B 359 1.46 0.01 -23.86
N ASN B 360 1.85 0.24 -25.13
CA ASN B 360 0.91 0.06 -26.26
C ASN B 360 1.27 -1.19 -27.10
N GLY B 361 2.14 -2.03 -26.55
CA GLY B 361 2.46 -3.32 -27.16
C GLY B 361 3.70 -3.22 -28.04
N GLY B 362 4.08 -4.35 -28.64
CA GLY B 362 5.26 -4.45 -29.48
C GLY B 362 6.41 -4.87 -28.62
N GLY B 363 7.62 -4.80 -29.15
CA GLY B 363 8.81 -5.16 -28.37
C GLY B 363 8.89 -6.64 -28.07
N GLU B 364 8.25 -7.45 -28.90
CA GLU B 364 8.29 -8.91 -28.72
C GLU B 364 9.68 -9.50 -28.90
N ASN B 365 10.55 -8.77 -29.59
CA ASN B 365 11.91 -9.19 -29.84
C ASN B 365 12.91 -8.61 -28.84
N THR B 366 12.41 -8.05 -27.74
CA THR B 366 13.28 -7.44 -26.75
C THR B 366 13.23 -8.19 -25.43
N LEU B 367 14.26 -7.96 -24.61
CA LEU B 367 14.34 -8.56 -23.27
C LEU B 367 15.21 -7.74 -22.33
N ARG B 368 14.90 -7.81 -21.05
CA ARG B 368 15.65 -7.12 -20.03
C ARG B 368 16.47 -8.15 -19.24
N LEU B 369 17.75 -7.83 -19.04
CA LEU B 369 18.65 -8.67 -18.26
C LEU B 369 19.15 -7.90 -17.05
N SER B 370 19.01 -8.49 -15.86
CA SER B 370 19.51 -7.85 -14.67
C SER B 370 20.78 -8.55 -14.16
N TYR B 371 21.84 -7.78 -13.97
CA TYR B 371 23.10 -8.32 -13.41
C TYR B 371 23.22 -8.00 -11.92
N ALA B 372 22.12 -7.58 -11.29
CA ALA B 372 22.10 -7.20 -9.86
C ALA B 372 22.34 -8.38 -8.90
N THR B 373 21.76 -9.53 -9.22
CA THR B 373 21.63 -10.63 -8.25
C THR B 373 22.83 -11.58 -8.23
N LEU B 374 23.26 -12.01 -9.41
CA LEU B 374 24.30 -13.03 -9.54
C LEU B 374 25.69 -12.47 -9.34
N ASP B 375 26.59 -13.34 -8.88
CA ASP B 375 28.00 -12.98 -8.78
C ASP B 375 28.66 -13.20 -10.15
N ARG B 376 29.96 -12.89 -10.23
CA ARG B 376 30.72 -13.01 -11.47
C ARG B 376 30.59 -14.37 -12.18
N GLU B 377 30.71 -15.44 -11.39
CA GLU B 377 30.65 -16.80 -11.92
C GLU B 377 29.28 -17.10 -12.49
N GLY B 378 28.24 -16.70 -11.77
CA GLY B 378 26.87 -16.93 -12.20
C GLY B 378 26.56 -16.13 -13.44
N ILE B 379 27.01 -14.87 -13.47
CA ILE B 379 26.80 -14.00 -14.65
C ILE B 379 27.43 -14.66 -15.90
N ALA B 380 28.70 -15.04 -15.80
CA ALA B 380 29.44 -15.67 -16.90
C ALA B 380 28.76 -16.95 -17.39
N GLU B 381 28.39 -17.82 -16.46
CA GLU B 381 27.76 -19.09 -16.80
C GLU B 381 26.34 -18.87 -17.35
N GLY B 382 25.57 -17.99 -16.72
CA GLY B 382 24.23 -17.67 -17.20
C GLY B 382 24.23 -17.11 -18.60
N VAL B 383 25.21 -16.26 -18.91
CA VAL B 383 25.28 -15.64 -20.24
C VAL B 383 25.75 -16.66 -21.26
N ARG B 384 26.66 -17.53 -20.85
CA ARG B 384 27.09 -18.67 -21.68
C ARG B 384 25.87 -19.47 -22.15
N ARG B 385 25.02 -19.85 -21.21
CA ARG B 385 23.82 -20.64 -21.52
C ARG B 385 22.84 -19.84 -22.40
N LEU B 386 22.65 -18.55 -22.07
CA LEU B 386 21.80 -17.67 -22.92
C LEU B 386 22.33 -17.58 -24.36
N GLY B 387 23.64 -17.42 -24.50
CA GLY B 387 24.31 -17.39 -25.81
C GLY B 387 24.05 -18.64 -26.64
N ARG B 388 24.18 -19.80 -25.99
CA ARG B 388 23.86 -21.08 -26.60
C ARG B 388 22.40 -21.16 -27.06
N ALA B 389 21.46 -20.72 -26.21
CA ALA B 389 20.03 -20.72 -26.57
C ALA B 389 19.75 -19.79 -27.74
N LEU B 390 20.34 -18.61 -27.66
CA LEU B 390 20.24 -17.56 -28.67
C LEU B 390 20.76 -18.09 -30.02
N LYS B 391 21.97 -18.63 -29.99
CA LYS B 391 22.58 -19.23 -31.19
C LYS B 391 21.73 -20.36 -31.84
N GLY B 392 21.11 -21.19 -30.99
CA GLY B 392 20.15 -22.20 -31.44
C GLY B 392 18.93 -21.60 -32.14
N LEU B 393 18.32 -20.60 -31.53
CA LEU B 393 17.13 -19.97 -32.10
C LEU B 393 17.46 -19.15 -33.33
N LEU B 394 18.61 -18.50 -33.33
CA LEU B 394 19.08 -17.75 -34.50
C LEU B 394 19.13 -18.62 -35.75
N ALA B 395 19.36 -19.92 -35.59
CA ALA B 395 19.45 -20.82 -36.74
C ALA B 395 18.10 -21.22 -37.36
N LEU B 396 17.04 -21.23 -36.56
CA LEU B 396 15.75 -21.73 -37.02
C LEU B 396 14.80 -20.67 -37.60
N VAL B 397 14.99 -19.41 -37.19
CA VAL B 397 14.18 -18.30 -37.72
C VAL B 397 14.83 -16.96 -37.42
N1 PGU C . -11.42 -2.28 9.21
C2 PGU C . -12.03 -1.73 10.28
C2A PGU C . -13.46 -2.16 10.62
C3 PGU C . -11.33 -0.77 11.06
O3 PGU C . -11.95 -0.25 12.16
C4 PGU C . -10.02 -0.39 10.69
C4A PGU C . -9.14 0.66 11.42
C5 PGU C . -9.48 -0.99 9.53
C6 PGU C . -10.22 -1.93 8.82
C5A PGU C . -8.09 -0.72 9.02
O4P PGU C . -7.18 -1.38 9.98
P PGU C . -5.86 -2.06 9.43
O1P PGU C . -6.14 -3.59 9.33
O2P PGU C . -5.32 -1.53 8.16
O3P PGU C . -4.77 -1.87 10.59
N PGU C . -9.59 1.05 12.76
CA PGU C . -9.02 2.29 13.35
CB PGU C . -7.88 2.96 12.53
CG PGU C . -7.07 3.98 13.35
CD PGU C . -6.20 4.91 12.46
OE1 PGU C . -5.38 5.64 13.08
OE2 PGU C . -6.39 4.91 11.22
C PGU C . -10.19 3.26 13.67
O PGU C . -11.25 3.12 13.04
OXT PGU C . -9.97 4.15 14.53
N1 PGU D . 10.62 2.40 -10.03
C2 PGU D . 11.41 1.73 -10.86
C2A PGU D . 12.05 2.51 -12.02
C3 PGU D . 11.64 0.35 -10.61
O3 PGU D . 12.47 -0.32 -11.47
C4 PGU D . 11.00 -0.30 -9.53
C4A PGU D . 11.14 -1.82 -9.14
C5 PGU D . 10.18 0.50 -8.70
C6 PGU D . 9.99 1.85 -9.00
C5A PGU D . 9.41 0.00 -7.47
O4P PGU D . 10.41 -0.38 -6.47
P PGU D . 10.04 -0.07 -4.93
O1P PGU D . 10.70 1.29 -4.63
O2P PGU D . 8.65 -0.14 -4.55
O3P PGU D . 10.95 -1.12 -4.07
N PGU D . 12.25 -2.51 -9.83
CA PGU D . 12.34 -4.00 -9.75
CB PGU D . 11.18 -4.67 -8.97
CG PGU D . 11.32 -6.21 -8.86
CD PGU D . 10.10 -6.95 -8.24
OE1 PGU D . 10.28 -8.08 -7.70
OE2 PGU D . 9.00 -6.40 -8.32
C PGU D . 12.42 -4.52 -11.16
O PGU D . 11.96 -3.75 -12.07
OXT PGU D . 12.91 -5.66 -11.32
#